data_8R48
#
_entry.id   8R48
#
_cell.length_a   127.107
_cell.length_b   127.107
_cell.length_c   118.693
_cell.angle_alpha   90.00
_cell.angle_beta   90.00
_cell.angle_gamma   120.00
#
_symmetry.space_group_name_H-M   'P 31 2 1'
#
loop_
_entity.id
_entity.type
_entity.pdbx_description
1 polymer 'Alpha-1,4 glucan phosphorylase L-1 isozyme, chloroplastic/amyloplastic'
2 non-polymer GLYCEROL
3 water water
#
_entity_poly.entity_id   1
_entity_poly.type   'polypeptide(L)'
_entity_poly.pdbx_seq_one_letter_code
;TLSEKIHHPITEQGGESDLSSFAPDAASITSSIKYHAEFTPVFSPERFELPKAFFATAQSVRDSLLINWNATYDIYEKLN
MKQAYYLSMEFLQGRALLNAIGNLELTGAFAEALKNLGHNLENVASQEPDAALGNGGLGRLASCFLDSLATLNYPAWGYG
LRYKYGLFKQRITKDGQEEVAEDWLEIGSPWEVVRNDVSYPIKFYGKVSTGSDGKRYWIGGEDIKAVAYDVPIPGYKTRT
TISLRLWSTQVPSADFDLSAFNAGEHTKACEAQANAEKICYILYPGDESEEGKILRLKQQYTLCSASLQDIISRFERRSG
DRIKWEEFPEKVAVQMNDTHPTLCIPELMRILIDLKGLNWNEAWNITQRTVAYTNHTVLPEALEKWSYELMQKLLPRHVE
IIEAIDEELVHEIVLKYGSMDLNKLEEKLTTMRILENFDLPSSVAELFIKPEISVDDDTETVEVHDKVEASDKVVTNDED
DTGKKTSVKIEAAAEKDIDKKTPVSPEPAVIPPKKVRMANLCVVGGHAVNGVAEIHSEIVKEEVFNDFYELWPEKFQNKT
NGVTPRRWIRFCNPPLSAIITKWTGTEDWVLKTEKLAELQKFADNEDLQNEWREAKRSNKIKVVSFLKEKTGYSVVPDAM
FDIQVKRIHEYKRQLLNIFGIVYRYKKMKEMTAAERKTNFVPRVCIFGGKAFATYVQAKRIVKFITDVGATINHDPEIGD
LLKVVFVPDYNVSVAELLIPASDLSEHISTAGMEASGTSNM(LLP)FAMNGCIQIGTLDGANVEIREEVGEENFFLFGAQ
AHEIAGLRKERADGKFVPDERFEEVKEFVRSGAFGSYNYDDLIGSLEGNEGFGRADYFLVGKDFPSYIECQEKVDEAYRD
QKRWTTMSILNTAGSYKFSSDRTIHEYAKDIWNIEAVEIA
;
_entity_poly.pdbx_strand_id   A
#
loop_
_chem_comp.id
_chem_comp.type
_chem_comp.name
_chem_comp.formula
GOL non-polymer GLYCEROL 'C3 H8 O3'
#
# COMPACT_ATOMS: atom_id res chain seq x y z
N ALA A 23 4.03 -2.77 35.35
CA ALA A 23 3.74 -3.65 34.16
C ALA A 23 2.47 -4.49 34.39
N PRO A 24 1.46 -4.42 33.50
CA PRO A 24 0.24 -5.21 33.69
C PRO A 24 0.52 -6.71 33.75
N ASP A 25 -0.35 -7.44 34.46
CA ASP A 25 -0.45 -8.89 34.49
C ASP A 25 -1.94 -9.23 34.34
N ALA A 26 -2.28 -10.52 34.39
CA ALA A 26 -3.59 -11.02 34.01
C ALA A 26 -4.70 -10.42 34.88
N ALA A 27 -4.37 -10.27 36.18
CA ALA A 27 -5.24 -9.76 37.24
C ALA A 27 -5.64 -8.31 36.93
N SER A 28 -4.65 -7.44 36.67
CA SER A 28 -4.92 -6.03 36.46
C SER A 28 -5.60 -5.83 35.11
N ILE A 29 -5.23 -6.66 34.10
CA ILE A 29 -5.90 -6.61 32.82
C ILE A 29 -7.37 -7.05 32.91
N THR A 30 -7.64 -8.08 33.72
CA THR A 30 -8.99 -8.51 34.03
C THR A 30 -9.84 -7.34 34.55
N SER A 31 -9.39 -6.66 35.61
CA SER A 31 -10.07 -5.52 36.21
C SER A 31 -10.30 -4.41 35.19
N SER A 32 -9.25 -4.20 34.41
CA SER A 32 -9.16 -3.14 33.39
C SER A 32 -10.21 -3.33 32.31
N ILE A 33 -10.38 -4.55 31.82
CA ILE A 33 -11.41 -4.84 30.79
C ILE A 33 -12.78 -4.61 31.43
N LYS A 34 -13.00 -5.10 32.64
CA LYS A 34 -14.25 -4.94 33.37
C LYS A 34 -14.52 -3.47 33.59
N TYR A 35 -13.49 -2.74 34.03
CA TYR A 35 -13.60 -1.29 34.22
C TYR A 35 -14.09 -0.66 32.93
N HIS A 36 -13.44 -0.93 31.79
CA HIS A 36 -13.90 -0.28 30.56
C HIS A 36 -15.30 -0.73 30.13
N ALA A 37 -15.58 -2.04 30.17
CA ALA A 37 -16.89 -2.60 29.86
C ALA A 37 -17.99 -1.78 30.56
N GLU A 38 -17.86 -1.55 31.87
CA GLU A 38 -18.84 -0.80 32.62
C GLU A 38 -18.72 0.73 32.48
N PHE A 39 -17.48 1.27 32.45
CA PHE A 39 -17.28 2.70 32.67
C PHE A 39 -17.02 3.51 31.41
N THR A 40 -16.51 2.86 30.35
CA THR A 40 -16.42 3.48 29.02
C THR A 40 -17.29 2.64 28.05
N PRO A 41 -18.60 2.46 28.34
CA PRO A 41 -19.45 1.53 27.60
C PRO A 41 -19.81 2.13 26.25
N VAL A 42 -20.05 1.23 25.27
CA VAL A 42 -20.58 1.56 23.96
C VAL A 42 -21.81 0.68 23.69
N PHE A 43 -22.12 -0.22 24.62
CA PHE A 43 -23.24 -1.14 24.50
C PHE A 43 -24.18 -1.07 25.70
N SER A 44 -25.30 -1.77 25.61
CA SER A 44 -26.15 -2.10 26.78
C SER A 44 -25.33 -2.76 27.87
N PRO A 45 -25.75 -2.64 29.16
CA PRO A 45 -25.03 -3.28 30.28
C PRO A 45 -25.26 -4.79 30.44
N GLU A 46 -26.21 -5.40 29.72
CA GLU A 46 -26.44 -6.84 29.86
C GLU A 46 -25.37 -7.64 29.13
N ARG A 47 -24.85 -8.67 29.80
CA ARG A 47 -24.05 -9.70 29.16
C ARG A 47 -22.74 -9.12 28.62
N PHE A 48 -21.89 -10.05 28.20
CA PHE A 48 -20.55 -9.72 27.75
C PHE A 48 -20.33 -10.40 26.41
N GLU A 49 -21.09 -9.99 25.40
CA GLU A 49 -20.98 -10.60 24.09
C GLU A 49 -19.63 -10.23 23.46
N LEU A 50 -19.29 -10.89 22.33
CA LEU A 50 -17.99 -10.64 21.70
C LEU A 50 -17.81 -9.17 21.31
N PRO A 51 -18.75 -8.47 20.65
CA PRO A 51 -18.50 -7.07 20.28
C PRO A 51 -18.19 -6.16 21.47
N LYS A 52 -18.88 -6.39 22.60
CA LYS A 52 -18.62 -5.65 23.83
C LYS A 52 -17.21 -5.96 24.35
N ALA A 53 -16.81 -7.23 24.25
CA ALA A 53 -15.56 -7.75 24.77
C ALA A 53 -14.41 -7.17 23.96
N PHE A 54 -14.62 -7.00 22.66
CA PHE A 54 -13.53 -6.49 21.87
C PHE A 54 -13.33 -5.02 22.23
N PHE A 55 -14.41 -4.27 22.40
CA PHE A 55 -14.26 -2.82 22.66
C PHE A 55 -13.56 -2.54 23.98
N ALA A 56 -13.96 -3.29 24.99
CA ALA A 56 -13.41 -3.16 26.32
C ALA A 56 -11.96 -3.58 26.28
N THR A 57 -11.64 -4.57 25.46
CA THR A 57 -10.27 -5.06 25.44
C THR A 57 -9.38 -4.00 24.81
N ALA A 58 -9.81 -3.50 23.64
CA ALA A 58 -9.01 -2.56 22.91
C ALA A 58 -8.77 -1.26 23.72
N GLN A 59 -9.78 -0.79 24.45
CA GLN A 59 -9.69 0.38 25.30
C GLN A 59 -8.67 0.15 26.40
N SER A 60 -8.59 -1.09 26.83
CA SER A 60 -7.68 -1.47 27.87
C SER A 60 -6.25 -1.39 27.35
N VAL A 61 -6.04 -1.93 26.14
CA VAL A 61 -4.75 -1.88 25.50
C VAL A 61 -4.38 -0.42 25.28
N ARG A 62 -5.32 0.38 24.82
CA ARG A 62 -5.06 1.82 24.54
C ARG A 62 -4.50 2.53 25.76
N ASP A 63 -4.94 2.16 26.95
CA ASP A 63 -4.42 2.71 28.21
C ASP A 63 -2.91 2.56 28.22
N SER A 64 -2.43 1.34 27.90
CA SER A 64 -0.99 1.07 27.78
C SER A 64 -0.35 1.85 26.65
N LEU A 65 -0.97 1.90 25.47
CA LEU A 65 -0.42 2.66 24.37
C LEU A 65 -0.24 4.14 24.73
N LEU A 66 -1.19 4.70 25.50
CA LEU A 66 -1.24 6.14 25.84
C LEU A 66 -0.16 6.54 26.85
N ILE A 67 0.11 5.68 27.85
CA ILE A 67 1.19 5.94 28.78
C ILE A 67 2.49 6.08 27.99
N ASN A 68 2.73 5.14 27.04
CA ASN A 68 3.95 5.16 26.27
C ASN A 68 3.95 6.32 25.27
N TRP A 69 2.80 6.59 24.66
CA TRP A 69 2.72 7.66 23.69
C TRP A 69 3.07 9.00 24.36
N ASN A 70 2.53 9.22 25.57
CA ASN A 70 2.79 10.46 26.31
C ASN A 70 4.25 10.54 26.73
N ALA A 71 4.82 9.39 27.13
CA ALA A 71 6.23 9.36 27.51
C ALA A 71 7.14 9.64 26.30
N THR A 72 6.80 9.10 25.14
CA THR A 72 7.58 9.38 23.96
C THR A 72 7.44 10.87 23.59
N TYR A 73 6.20 11.33 23.62
CA TYR A 73 5.85 12.73 23.31
C TYR A 73 6.68 13.68 24.18
N ASP A 74 6.79 13.38 25.47
CA ASP A 74 7.54 14.25 26.42
C ASP A 74 9.03 14.27 26.10
N ILE A 75 9.63 13.15 25.76
CA ILE A 75 11.06 13.16 25.50
C ILE A 75 11.29 13.94 24.21
N TYR A 76 10.55 13.60 23.15
CA TYR A 76 10.67 14.36 21.92
C TYR A 76 10.53 15.88 22.12
N GLU A 77 9.59 16.33 22.95
CA GLU A 77 9.34 17.74 23.13
C GLU A 77 10.55 18.45 23.76
N LYS A 78 11.19 17.81 24.75
CA LYS A 78 12.27 18.42 25.50
C LYS A 78 13.58 18.33 24.72
N LEU A 79 13.76 17.24 23.96
CA LEU A 79 14.98 17.03 23.20
C LEU A 79 15.05 17.94 21.99
N ASN A 80 13.93 18.13 21.30
CA ASN A 80 13.81 18.97 20.12
C ASN A 80 14.84 18.49 19.10
N MET A 81 15.00 17.16 18.93
CA MET A 81 15.86 16.59 17.90
C MET A 81 15.09 16.62 16.59
N LYS A 82 15.76 16.21 15.51
CA LYS A 82 15.13 16.24 14.19
C LYS A 82 14.06 15.13 14.15
N GLN A 83 12.92 15.46 13.55
CA GLN A 83 11.82 14.53 13.49
C GLN A 83 11.41 14.34 12.02
N ALA A 84 11.08 13.09 11.64
CA ALA A 84 10.65 12.80 10.28
C ALA A 84 9.14 12.67 10.19
N TYR A 85 8.61 12.95 9.01
CA TYR A 85 7.18 12.91 8.78
C TYR A 85 6.91 12.25 7.43
N TYR A 86 6.08 11.20 7.50
CA TYR A 86 5.86 10.37 6.32
C TYR A 86 4.43 10.64 5.93
N LEU A 87 4.24 11.25 4.75
CA LEU A 87 2.92 11.66 4.31
C LEU A 87 2.45 10.73 3.20
N SER A 88 1.20 10.27 3.23
CA SER A 88 0.73 9.34 2.20
C SER A 88 -0.80 9.41 2.14
N MET A 89 -1.33 9.23 0.90
CA MET A 89 -2.76 9.19 0.68
C MET A 89 -3.30 7.89 1.28
N GLU A 90 -2.43 6.95 1.64
CA GLU A 90 -2.94 5.68 2.17
C GLU A 90 -2.05 5.03 3.23
N PHE A 91 -2.71 4.46 4.24
CA PHE A 91 -2.09 3.59 5.20
C PHE A 91 -2.95 2.33 5.28
N LEU A 92 -2.37 1.18 5.15
CA LEU A 92 -3.18 -0.02 5.27
C LEU A 92 -2.86 -0.68 6.61
N GLN A 93 -3.45 -0.12 7.67
CA GLN A 93 -3.06 -0.40 9.05
C GLN A 93 -3.52 -1.83 9.46
N GLY A 94 -4.57 -2.38 8.84
CA GLY A 94 -5.08 -3.65 9.33
C GLY A 94 -5.77 -3.55 10.70
N ARG A 95 -5.85 -4.69 11.41
CA ARG A 95 -6.27 -4.65 12.80
C ARG A 95 -5.05 -4.36 13.64
N ALA A 96 -5.31 -3.72 14.79
CA ALA A 96 -4.28 -3.19 15.68
C ALA A 96 -4.07 -4.08 16.91
N LEU A 97 -5.03 -4.91 17.33
CA LEU A 97 -5.07 -5.47 18.68
C LEU A 97 -3.90 -6.40 18.97
N LEU A 98 -3.75 -7.42 18.12
CA LEU A 98 -2.73 -8.44 18.30
C LEU A 98 -1.33 -7.86 18.05
N ASN A 99 -1.16 -6.97 17.05
CA ASN A 99 0.19 -6.39 16.91
C ASN A 99 0.57 -5.48 18.10
N ALA A 100 -0.44 -4.86 18.72
CA ALA A 100 -0.23 -3.97 19.82
C ALA A 100 0.07 -4.77 21.09
N ILE A 101 -0.74 -5.81 21.40
CA ILE A 101 -0.40 -6.55 22.62
C ILE A 101 0.91 -7.30 22.41
N GLY A 102 1.21 -7.67 21.16
CA GLY A 102 2.47 -8.34 20.91
C GLY A 102 3.65 -7.41 21.11
N ASN A 103 3.61 -6.19 20.56
CA ASN A 103 4.73 -5.25 20.69
C ASN A 103 4.96 -4.82 22.13
N LEU A 104 3.87 -4.73 22.93
CA LEU A 104 3.90 -4.49 24.36
C LEU A 104 4.28 -5.74 25.13
N GLU A 105 4.26 -6.94 24.52
CA GLU A 105 4.59 -8.18 25.20
C GLU A 105 3.59 -8.55 26.29
N LEU A 106 2.30 -8.38 25.99
CA LEU A 106 1.25 -8.67 26.96
C LEU A 106 0.31 -9.73 26.38
N THR A 107 0.72 -10.41 25.29
CA THR A 107 -0.16 -11.33 24.60
C THR A 107 -0.66 -12.35 25.61
N GLY A 108 0.29 -12.88 26.37
CA GLY A 108 -0.11 -13.92 27.33
C GLY A 108 -1.11 -13.43 28.38
N ALA A 109 -0.87 -12.20 28.86
CA ALA A 109 -1.68 -11.68 29.95
C ALA A 109 -3.11 -11.37 29.49
N PHE A 110 -3.25 -10.78 28.29
CA PHE A 110 -4.56 -10.49 27.74
C PHE A 110 -5.30 -11.79 27.40
N ALA A 111 -4.59 -12.83 27.02
CA ALA A 111 -5.27 -14.09 26.67
C ALA A 111 -5.88 -14.73 27.90
N GLU A 112 -5.09 -14.67 28.98
CA GLU A 112 -5.54 -15.26 30.21
C GLU A 112 -6.68 -14.41 30.79
N ALA A 113 -6.55 -13.09 30.69
CA ALA A 113 -7.61 -12.24 31.21
C ALA A 113 -8.91 -12.51 30.45
N LEU A 114 -8.82 -12.65 29.13
CA LEU A 114 -10.03 -12.95 28.39
C LEU A 114 -10.63 -14.32 28.82
N LYS A 115 -9.77 -15.32 29.09
CA LYS A 115 -10.28 -16.63 29.53
C LYS A 115 -11.11 -16.46 30.79
N ASN A 116 -10.62 -15.62 31.73
CA ASN A 116 -11.24 -15.35 33.03
C ASN A 116 -12.64 -14.78 32.87
N LEU A 117 -12.84 -14.02 31.80
CA LEU A 117 -14.10 -13.35 31.54
C LEU A 117 -14.84 -14.17 30.50
N GLY A 118 -14.31 -15.35 30.13
CA GLY A 118 -15.10 -16.32 29.38
C GLY A 118 -15.02 -16.15 27.86
N HIS A 119 -13.89 -15.65 27.36
CA HIS A 119 -13.72 -15.53 25.92
C HIS A 119 -12.36 -16.03 25.51
N ASN A 120 -12.11 -16.19 24.22
CA ASN A 120 -10.71 -16.36 23.89
C ASN A 120 -10.27 -15.26 22.95
N LEU A 121 -8.95 -15.12 22.96
CA LEU A 121 -8.24 -14.01 22.34
C LEU A 121 -8.63 -13.97 20.88
N GLU A 122 -8.60 -15.15 20.27
CA GLU A 122 -8.75 -15.20 18.83
C GLU A 122 -10.15 -14.77 18.42
N ASN A 123 -11.20 -15.16 19.18
CA ASN A 123 -12.57 -14.75 18.89
C ASN A 123 -12.74 -13.26 19.14
N VAL A 124 -12.09 -12.70 20.15
CA VAL A 124 -12.19 -11.26 20.45
C VAL A 124 -11.49 -10.48 19.34
N ALA A 125 -10.33 -10.93 18.88
CA ALA A 125 -9.58 -10.26 17.80
C ALA A 125 -10.41 -10.26 16.51
N SER A 126 -11.13 -11.33 16.24
CA SER A 126 -12.03 -11.41 15.06
C SER A 126 -13.09 -10.32 15.05
N GLN A 127 -13.45 -9.67 16.16
CA GLN A 127 -14.45 -8.63 16.00
C GLN A 127 -13.86 -7.36 15.39
N GLU A 128 -12.54 -7.21 15.25
CA GLU A 128 -12.03 -5.88 14.94
C GLU A 128 -12.13 -5.65 13.45
N PRO A 129 -12.77 -4.57 12.96
CA PRO A 129 -12.69 -4.24 11.53
C PRO A 129 -11.28 -3.79 11.20
N ASP A 130 -10.81 -4.08 9.98
CA ASP A 130 -9.55 -3.55 9.48
C ASP A 130 -9.71 -2.03 9.34
N ALA A 131 -8.70 -1.26 9.74
CA ALA A 131 -8.85 0.18 9.53
C ALA A 131 -8.85 0.42 8.01
N ALA A 132 -9.93 0.99 7.49
CA ALA A 132 -10.02 1.16 6.03
C ALA A 132 -9.41 2.49 5.59
N LEU A 133 -8.08 2.58 5.64
CA LEU A 133 -7.41 3.86 5.55
C LEU A 133 -6.48 3.84 4.34
N GLY A 134 -6.57 2.76 3.57
CA GLY A 134 -5.63 2.54 2.49
C GLY A 134 -6.17 1.51 1.51
N ASN A 135 -5.39 1.15 0.48
CA ASN A 135 -5.92 0.24 -0.51
C ASN A 135 -4.93 -0.89 -0.79
N GLY A 136 -3.74 -0.52 -1.27
CA GLY A 136 -2.80 -1.48 -1.83
C GLY A 136 -1.43 -1.31 -1.19
N GLY A 137 -0.38 -1.78 -1.90
CA GLY A 137 0.99 -1.91 -1.40
C GLY A 137 1.63 -0.59 -0.96
N LEU A 138 1.21 0.50 -1.61
CA LEU A 138 1.72 1.82 -1.28
C LEU A 138 1.34 2.10 0.16
N GLY A 139 0.08 1.79 0.53
CA GLY A 139 -0.45 1.94 1.87
C GLY A 139 0.12 0.95 2.91
N ARG A 140 0.35 -0.28 2.49
CA ARG A 140 0.94 -1.25 3.45
C ARG A 140 2.42 -0.90 3.66
N LEU A 141 3.07 -0.34 2.65
CA LEU A 141 4.45 0.01 2.86
C LEU A 141 4.56 1.09 3.94
N ALA A 142 3.59 2.00 3.94
CA ALA A 142 3.68 3.08 4.92
C ALA A 142 3.41 2.51 6.32
N SER A 143 2.45 1.60 6.38
CA SER A 143 2.10 0.92 7.62
C SER A 143 3.29 0.11 8.18
N CYS A 144 3.96 -0.69 7.33
CA CYS A 144 5.23 -1.36 7.69
C CYS A 144 6.27 -0.38 8.24
N PHE A 145 6.34 0.80 7.63
CA PHE A 145 7.37 1.75 7.95
C PHE A 145 7.14 2.34 9.34
N LEU A 146 5.85 2.55 9.71
CA LEU A 146 5.52 3.09 11.02
C LEU A 146 5.92 2.11 12.12
N ASP A 147 5.54 0.83 11.94
CA ASP A 147 6.02 -0.20 12.84
C ASP A 147 7.54 -0.15 12.94
N SER A 148 8.25 -0.10 11.80
CA SER A 148 9.72 -0.09 11.85
C SER A 148 10.31 1.14 12.59
N LEU A 149 9.77 2.34 12.33
CA LEU A 149 10.23 3.56 12.97
C LEU A 149 10.08 3.49 14.48
N ALA A 150 8.87 3.16 14.97
CA ALA A 150 8.61 3.02 16.38
C ALA A 150 9.58 1.97 16.97
N THR A 151 9.61 0.76 16.36
CA THR A 151 10.49 -0.29 16.87
C THR A 151 11.96 0.15 16.92
N LEU A 152 12.41 0.98 15.95
CA LEU A 152 13.83 1.34 15.96
C LEU A 152 14.11 2.62 16.76
N ASN A 153 13.11 3.20 17.46
CA ASN A 153 13.30 4.37 18.30
C ASN A 153 13.60 5.61 17.45
N TYR A 154 12.96 5.69 16.28
CA TYR A 154 13.24 6.83 15.41
C TYR A 154 12.12 7.84 15.62
N PRO A 155 12.44 9.11 15.87
CA PRO A 155 11.40 10.13 16.01
C PRO A 155 10.75 10.43 14.66
N ALA A 156 9.56 9.90 14.43
CA ALA A 156 8.91 10.07 13.13
C ALA A 156 7.43 9.83 13.38
N TRP A 157 6.57 10.52 12.59
CA TRP A 157 5.12 10.29 12.59
C TRP A 157 4.62 10.05 11.16
N GLY A 158 3.40 9.51 11.05
CA GLY A 158 2.67 9.37 9.79
C GLY A 158 1.59 10.43 9.76
N TYR A 159 1.30 10.98 8.57
CA TYR A 159 0.17 11.85 8.41
C TYR A 159 -0.62 11.34 7.22
N GLY A 160 -1.93 11.16 7.42
CA GLY A 160 -2.88 10.76 6.40
C GLY A 160 -4.25 11.35 6.70
N LEU A 161 -5.23 11.00 5.85
CA LEU A 161 -6.64 11.37 5.98
C LEU A 161 -7.41 10.25 6.68
N ARG A 162 -8.45 10.62 7.44
CA ARG A 162 -9.31 9.63 8.06
C ARG A 162 -10.51 9.33 7.18
N TYR A 163 -10.40 8.28 6.35
CA TYR A 163 -11.46 8.01 5.39
C TYR A 163 -12.59 7.25 6.10
N LYS A 164 -13.81 7.73 5.94
CA LYS A 164 -14.89 7.15 6.70
C LYS A 164 -15.28 5.82 6.08
N TYR A 165 -15.21 5.72 4.74
CA TYR A 165 -15.80 4.58 4.06
C TYR A 165 -14.76 3.79 3.24
N GLY A 166 -13.47 4.06 3.49
CA GLY A 166 -12.39 3.39 2.80
C GLY A 166 -12.52 3.53 1.29
N LEU A 167 -12.35 2.40 0.60
CA LEU A 167 -12.47 2.34 -0.85
C LEU A 167 -13.79 1.62 -1.12
N PHE A 168 -13.84 0.33 -0.86
CA PHE A 168 -15.13 -0.33 -0.78
C PHE A 168 -14.94 -1.68 -0.11
N LYS A 169 -16.00 -2.19 0.55
CA LYS A 169 -16.03 -3.56 1.05
C LYS A 169 -16.55 -4.48 -0.07
N GLN A 170 -15.87 -5.60 -0.36
CA GLN A 170 -16.13 -6.36 -1.57
C GLN A 170 -17.06 -7.51 -1.20
N ARG A 171 -18.17 -7.59 -1.94
CA ARG A 171 -19.18 -8.66 -1.82
C ARG A 171 -18.91 -9.61 -2.99
N ILE A 172 -18.86 -10.91 -2.77
CA ILE A 172 -18.71 -11.82 -3.94
C ILE A 172 -19.99 -12.61 -4.09
N THR A 173 -20.79 -12.24 -5.10
CA THR A 173 -22.08 -12.84 -5.38
C THR A 173 -22.02 -13.73 -6.64
N LYS A 174 -23.18 -14.29 -6.97
CA LYS A 174 -23.46 -14.99 -8.21
C LYS A 174 -23.03 -14.16 -9.42
N ASP A 175 -23.10 -12.81 -9.33
CA ASP A 175 -22.76 -11.93 -10.44
C ASP A 175 -21.32 -11.44 -10.40
N GLY A 176 -20.54 -11.92 -9.43
CA GLY A 176 -19.14 -11.52 -9.30
C GLY A 176 -18.92 -10.50 -8.17
N GLN A 177 -18.25 -9.38 -8.49
CA GLN A 177 -17.95 -8.38 -7.47
C GLN A 177 -19.09 -7.37 -7.36
N GLU A 178 -19.52 -7.09 -6.14
CA GLU A 178 -20.30 -5.91 -5.86
C GLU A 178 -19.59 -5.10 -4.78
N GLU A 179 -19.77 -3.78 -4.81
CA GLU A 179 -19.12 -2.84 -3.90
C GLU A 179 -20.13 -2.26 -2.89
N VAL A 180 -19.70 -2.16 -1.64
CA VAL A 180 -20.49 -1.54 -0.61
C VAL A 180 -19.56 -0.69 0.26
N ALA A 181 -20.07 0.45 0.72
CA ALA A 181 -19.32 1.34 1.61
C ALA A 181 -18.85 0.57 2.85
N GLU A 182 -17.58 0.75 3.23
CA GLU A 182 -17.03 0.15 4.45
C GLU A 182 -17.71 0.73 5.69
N ASP A 183 -17.88 -0.13 6.71
CA ASP A 183 -18.63 0.25 7.88
C ASP A 183 -17.71 0.32 9.10
N TRP A 184 -16.38 0.37 8.89
CA TRP A 184 -15.43 0.24 10.00
C TRP A 184 -15.65 1.31 11.06
N LEU A 185 -16.24 2.47 10.72
CA LEU A 185 -16.41 3.53 11.69
C LEU A 185 -17.87 3.73 12.11
N GLU A 186 -18.70 2.73 11.81
CA GLU A 186 -20.13 2.73 12.12
C GLU A 186 -20.35 2.87 13.62
N ILE A 187 -19.50 2.23 14.45
CA ILE A 187 -19.61 2.35 15.89
C ILE A 187 -18.48 3.22 16.46
N GLY A 188 -17.47 3.56 15.64
CA GLY A 188 -16.27 4.21 16.17
C GLY A 188 -15.11 3.21 16.30
N SER A 189 -13.88 3.75 16.34
CA SER A 189 -12.62 3.06 16.55
C SER A 189 -12.22 3.28 18.01
N PRO A 190 -11.93 2.19 18.76
CA PRO A 190 -11.45 2.31 20.14
C PRO A 190 -9.96 2.66 20.19
N TRP A 191 -9.23 2.67 19.06
CA TRP A 191 -7.83 3.08 19.04
C TRP A 191 -7.65 4.60 18.98
N GLU A 192 -8.48 5.29 18.22
CA GLU A 192 -8.07 6.62 17.82
C GLU A 192 -8.22 7.60 18.99
N VAL A 193 -7.47 8.69 18.92
CA VAL A 193 -7.62 9.72 19.95
C VAL A 193 -7.94 11.01 19.22
N VAL A 194 -9.14 11.53 19.38
CA VAL A 194 -9.50 12.85 18.88
C VAL A 194 -8.69 13.93 19.62
N ARG A 195 -8.06 14.86 18.89
CA ARG A 195 -7.42 16.00 19.52
C ARG A 195 -8.22 17.25 19.19
N ASN A 196 -9.24 17.55 20.01
CA ASN A 196 -10.17 18.62 19.69
C ASN A 196 -9.45 19.95 19.59
N ASP A 197 -8.33 20.08 20.29
CA ASP A 197 -7.56 21.32 20.25
C ASP A 197 -6.56 21.30 19.10
N VAL A 198 -6.45 20.23 18.31
CA VAL A 198 -5.58 20.27 17.14
C VAL A 198 -6.39 20.35 15.86
N SER A 199 -6.55 21.58 15.41
CA SER A 199 -7.43 21.99 14.30
C SER A 199 -6.69 22.99 13.40
N TYR A 200 -6.74 22.81 12.09
CA TYR A 200 -6.07 23.76 11.16
C TYR A 200 -7.04 24.19 10.07
N PRO A 201 -7.04 25.48 9.75
CA PRO A 201 -7.90 26.04 8.71
C PRO A 201 -7.35 25.66 7.34
N ILE A 202 -8.24 25.28 6.42
CA ILE A 202 -7.80 24.92 5.08
C ILE A 202 -8.61 25.84 4.18
N LYS A 203 -7.99 26.48 3.17
CA LYS A 203 -8.71 27.40 2.28
C LYS A 203 -8.75 26.81 0.89
N PHE A 204 -9.83 27.01 0.12
CA PHE A 204 -9.85 26.65 -1.30
C PHE A 204 -10.46 27.81 -2.10
N TYR A 205 -10.18 27.89 -3.42
CA TYR A 205 -10.61 29.01 -4.26
C TYR A 205 -10.08 30.35 -3.75
N GLY A 206 -10.93 31.39 -3.87
CA GLY A 206 -10.59 32.74 -3.43
C GLY A 206 -9.63 33.45 -4.39
N LYS A 207 -8.97 34.52 -3.90
CA LYS A 207 -8.23 35.52 -4.67
C LYS A 207 -6.96 35.91 -3.92
N VAL A 208 -5.89 36.28 -4.65
CA VAL A 208 -4.65 36.68 -4.01
C VAL A 208 -4.42 38.17 -4.31
N SER A 209 -3.97 38.95 -3.31
CA SER A 209 -3.60 40.35 -3.54
C SER A 209 -2.31 40.69 -2.78
N THR A 210 -1.79 41.92 -2.94
CA THR A 210 -0.61 42.36 -2.22
C THR A 210 -0.98 43.39 -1.14
N GLY A 211 -0.47 43.20 0.08
CA GLY A 211 -0.59 44.18 1.16
C GLY A 211 0.54 45.21 1.11
N SER A 212 0.46 46.23 1.99
CA SER A 212 1.42 47.32 1.94
C SER A 212 2.78 46.90 2.50
N ASP A 213 2.84 45.67 3.02
CA ASP A 213 4.08 45.05 3.47
C ASP A 213 4.74 44.33 2.30
N GLY A 214 4.04 44.27 1.13
CA GLY A 214 4.65 43.63 -0.02
C GLY A 214 4.51 42.10 0.01
N LYS A 215 3.73 41.57 0.93
CA LYS A 215 3.43 40.15 0.99
C LYS A 215 2.13 39.85 0.26
N ARG A 216 1.99 38.62 -0.23
CA ARG A 216 0.77 38.14 -0.84
C ARG A 216 -0.20 37.74 0.27
N TYR A 217 -1.50 38.04 0.11
CA TYR A 217 -2.58 37.66 1.03
C TYR A 217 -3.66 36.93 0.26
N TRP A 218 -3.92 35.70 0.66
CA TRP A 218 -4.93 34.83 0.02
C TRP A 218 -6.22 34.93 0.85
N ILE A 219 -7.25 35.54 0.28
CA ILE A 219 -8.51 35.87 0.96
C ILE A 219 -9.66 35.12 0.28
N GLY A 220 -10.83 35.06 0.93
CA GLY A 220 -12.04 34.41 0.39
C GLY A 220 -11.94 32.91 0.05
N GLY A 221 -12.76 32.50 -0.92
CA GLY A 221 -12.98 31.10 -1.21
C GLY A 221 -13.83 30.42 -0.13
N GLU A 222 -13.48 29.16 0.15
CA GLU A 222 -14.18 28.25 1.05
C GLU A 222 -13.22 27.95 2.20
N ASP A 223 -13.71 28.07 3.43
CA ASP A 223 -12.85 27.79 4.57
C ASP A 223 -13.35 26.54 5.25
N ILE A 224 -12.44 25.62 5.52
CA ILE A 224 -12.84 24.49 6.35
C ILE A 224 -11.82 24.22 7.44
N LYS A 225 -12.07 23.18 8.24
CA LYS A 225 -11.18 22.81 9.34
C LYS A 225 -10.81 21.34 9.16
N ALA A 226 -9.57 21.01 9.54
CA ALA A 226 -8.98 19.67 9.54
C ALA A 226 -8.67 19.38 10.99
N VAL A 227 -9.31 18.35 11.53
CA VAL A 227 -9.13 17.99 12.93
C VAL A 227 -8.28 16.70 13.04
N ALA A 228 -7.36 16.68 14.00
CA ALA A 228 -6.44 15.58 14.22
C ALA A 228 -7.03 14.44 15.04
N TYR A 229 -6.77 13.21 14.58
CA TYR A 229 -7.16 11.95 15.23
C TYR A 229 -5.90 11.10 15.27
N ASP A 230 -5.27 10.90 16.44
CA ASP A 230 -4.02 10.14 16.54
C ASP A 230 -4.31 8.64 16.60
N VAL A 231 -3.51 7.82 15.93
CA VAL A 231 -3.58 6.38 16.14
C VAL A 231 -2.20 6.00 16.66
N PRO A 232 -2.07 5.62 17.94
CA PRO A 232 -0.77 5.27 18.52
C PRO A 232 -0.13 4.02 17.92
N ILE A 233 1.14 4.08 17.51
CA ILE A 233 1.80 2.94 16.87
C ILE A 233 2.93 2.50 17.81
N PRO A 234 2.78 1.34 18.49
CA PRO A 234 3.80 0.94 19.49
C PRO A 234 4.93 0.20 18.80
N GLY A 235 6.17 0.42 19.30
CA GLY A 235 7.32 -0.31 18.76
C GLY A 235 7.39 -1.67 19.44
N TYR A 236 8.13 -2.62 18.86
CA TYR A 236 8.29 -3.96 19.46
C TYR A 236 9.35 -3.90 20.55
N LYS A 237 8.98 -4.26 21.78
CA LYS A 237 9.92 -4.34 22.90
C LYS A 237 10.59 -3.00 23.16
N THR A 238 9.81 -1.93 23.20
CA THR A 238 10.34 -0.60 23.47
C THR A 238 9.15 0.28 23.89
N ARG A 239 9.39 1.41 24.54
CA ARG A 239 8.27 2.23 24.87
C ARG A 239 7.97 3.18 23.69
N THR A 240 8.94 3.39 22.79
CA THR A 240 8.67 4.36 21.75
C THR A 240 7.30 4.02 21.20
N THR A 241 6.44 5.03 21.24
CA THR A 241 5.10 4.88 20.69
C THR A 241 4.84 6.17 19.94
N ILE A 242 4.69 6.04 18.63
CA ILE A 242 4.62 7.21 17.76
C ILE A 242 3.16 7.41 17.33
N SER A 243 2.91 8.41 16.47
CA SER A 243 1.54 8.64 16.02
C SER A 243 1.42 8.39 14.53
N LEU A 244 0.25 7.86 14.16
CA LEU A 244 -0.26 8.09 12.84
C LEU A 244 -1.39 9.10 13.03
N ARG A 245 -1.13 10.32 12.57
CA ARG A 245 -2.08 11.37 12.82
C ARG A 245 -2.91 11.55 11.56
N LEU A 246 -4.21 11.38 11.70
CA LEU A 246 -5.11 11.43 10.57
C LEU A 246 -5.97 12.69 10.66
N TRP A 247 -6.23 13.30 9.50
CA TRP A 247 -7.04 14.50 9.45
C TRP A 247 -8.47 14.11 9.08
N SER A 248 -9.45 14.71 9.76
CA SER A 248 -10.82 14.59 9.33
C SER A 248 -11.39 15.98 9.08
N THR A 249 -12.13 16.19 7.96
CA THR A 249 -12.46 17.55 7.62
C THR A 249 -13.87 17.89 8.08
N GLN A 250 -14.04 19.12 8.52
CA GLN A 250 -15.36 19.59 8.98
C GLN A 250 -15.46 21.11 8.89
N VAL A 251 -16.58 21.60 9.33
CA VAL A 251 -16.92 23.03 9.31
C VAL A 251 -17.52 23.35 10.67
N PRO A 252 -17.22 24.50 11.31
CA PRO A 252 -17.84 24.84 12.59
C PRO A 252 -19.36 24.75 12.44
N SER A 253 -20.03 24.41 13.53
CA SER A 253 -21.46 24.32 13.50
C SER A 253 -22.05 25.66 13.09
N ALA A 254 -21.28 26.76 13.27
CA ALA A 254 -21.78 28.08 12.89
C ALA A 254 -22.05 28.14 11.39
N ASP A 255 -21.49 27.27 10.57
CA ASP A 255 -21.69 27.38 9.14
C ASP A 255 -23.01 26.75 8.70
N PHE A 256 -23.76 26.13 9.62
CA PHE A 256 -25.09 25.59 9.31
C PHE A 256 -26.04 26.76 9.09
N ASP A 257 -26.60 26.88 7.88
CA ASP A 257 -27.46 28.01 7.54
C ASP A 257 -28.90 27.82 8.03
N LEU A 258 -29.20 28.42 9.19
CA LEU A 258 -30.45 28.19 9.86
C LEU A 258 -31.57 28.76 9.00
N SER A 259 -31.27 29.89 8.37
CA SER A 259 -32.35 30.64 7.77
C SER A 259 -32.88 29.81 6.59
N ALA A 260 -31.94 29.24 5.80
CA ALA A 260 -32.24 28.24 4.79
C ALA A 260 -32.99 27.02 5.37
N PHE A 261 -32.44 26.44 6.45
CA PHE A 261 -33.00 25.19 6.97
C PHE A 261 -34.47 25.37 7.32
N ASN A 262 -34.77 26.48 8.00
CA ASN A 262 -36.11 26.84 8.44
C ASN A 262 -37.07 27.15 7.28
N ALA A 263 -36.55 27.61 6.12
CA ALA A 263 -37.42 27.90 4.98
C ALA A 263 -37.80 26.62 4.22
N GLY A 264 -37.18 25.48 4.52
CA GLY A 264 -37.47 24.26 3.78
C GLY A 264 -36.34 23.80 2.85
N GLU A 265 -35.31 24.64 2.67
CA GLU A 265 -34.16 24.31 1.85
C GLU A 265 -33.13 23.54 2.64
N HIS A 266 -33.49 22.32 2.99
CA HIS A 266 -32.64 21.57 3.89
C HIS A 266 -31.29 21.30 3.26
N THR A 267 -31.24 21.08 1.95
CA THR A 267 -29.96 20.75 1.29
C THR A 267 -29.05 21.98 1.22
N LYS A 268 -29.61 23.13 0.89
CA LYS A 268 -28.77 24.35 0.85
C LYS A 268 -28.24 24.64 2.25
N ALA A 269 -29.02 24.36 3.28
CA ALA A 269 -28.59 24.70 4.63
C ALA A 269 -27.28 24.01 5.01
N CYS A 270 -27.04 22.79 4.48
CA CYS A 270 -25.88 22.04 4.93
C CYS A 270 -24.78 22.00 3.89
N GLU A 271 -24.87 22.84 2.86
CA GLU A 271 -23.92 22.78 1.75
C GLU A 271 -22.48 22.83 2.23
N ALA A 272 -22.18 23.73 3.20
CA ALA A 272 -20.80 23.89 3.61
C ALA A 272 -20.32 22.63 4.33
N GLN A 273 -21.17 22.03 5.18
CA GLN A 273 -20.75 20.81 5.87
C GLN A 273 -20.66 19.64 4.87
N ALA A 274 -21.64 19.52 3.98
CA ALA A 274 -21.56 18.48 2.97
C ALA A 274 -20.24 18.63 2.20
N ASN A 275 -19.86 19.86 1.94
CA ASN A 275 -18.75 20.07 1.05
C ASN A 275 -17.45 19.71 1.76
N ALA A 276 -17.42 20.00 3.05
CA ALA A 276 -16.24 19.79 3.85
C ALA A 276 -16.04 18.31 4.12
N GLU A 277 -17.12 17.65 4.52
CA GLU A 277 -17.05 16.28 5.01
C GLU A 277 -16.69 15.29 3.92
N LYS A 278 -17.19 15.50 2.71
CA LYS A 278 -16.95 14.55 1.63
C LYS A 278 -15.45 14.42 1.29
N ILE A 279 -14.62 15.43 1.59
CA ILE A 279 -13.19 15.28 1.29
C ILE A 279 -12.67 13.99 1.96
N CYS A 280 -13.26 13.60 3.10
CA CYS A 280 -12.70 12.39 3.69
C CYS A 280 -13.64 11.19 3.63
N TYR A 281 -14.49 11.06 2.61
CA TYR A 281 -15.39 9.91 2.57
C TYR A 281 -14.69 8.66 2.08
N ILE A 282 -14.17 8.74 0.87
CA ILE A 282 -13.58 7.54 0.23
C ILE A 282 -12.17 7.82 -0.31
N LEU A 283 -11.45 6.74 -0.48
CA LEU A 283 -10.08 6.70 -1.03
C LEU A 283 -10.17 6.76 -2.55
N TYR A 284 -9.44 7.69 -3.16
CA TYR A 284 -9.33 7.80 -4.60
C TYR A 284 -10.72 7.94 -5.22
N PRO A 285 -11.50 8.99 -4.91
CA PRO A 285 -12.83 9.14 -5.52
C PRO A 285 -12.73 9.21 -7.04
N GLY A 286 -13.65 8.55 -7.75
CA GLY A 286 -13.64 8.51 -9.20
C GLY A 286 -13.48 9.92 -9.79
N ASP A 287 -12.47 10.12 -10.65
CA ASP A 287 -12.18 11.46 -11.14
C ASP A 287 -12.33 11.60 -12.66
N GLU A 288 -13.29 10.90 -13.29
CA GLU A 288 -13.58 11.22 -14.69
C GLU A 288 -14.25 12.59 -14.83
N SER A 289 -15.09 12.98 -13.85
CA SER A 289 -15.76 14.28 -13.81
C SER A 289 -14.86 15.36 -13.23
N GLU A 290 -15.14 16.60 -13.63
CA GLU A 290 -14.65 17.82 -13.01
C GLU A 290 -14.79 17.77 -11.47
N GLU A 291 -15.99 17.43 -11.00
CA GLU A 291 -16.30 17.38 -9.57
C GLU A 291 -15.41 16.35 -8.86
N GLY A 292 -15.18 15.20 -9.49
CA GLY A 292 -14.24 14.24 -8.94
C GLY A 292 -12.80 14.76 -8.96
N LYS A 293 -12.37 15.47 -10.02
CA LYS A 293 -10.99 15.95 -10.04
C LYS A 293 -10.79 16.98 -8.93
N ILE A 294 -11.82 17.82 -8.72
CA ILE A 294 -11.70 18.88 -7.76
C ILE A 294 -11.55 18.24 -6.39
N LEU A 295 -12.34 17.15 -6.19
CA LEU A 295 -12.34 16.49 -4.92
C LEU A 295 -10.97 15.88 -4.66
N ARG A 296 -10.28 15.39 -5.68
CA ARG A 296 -8.94 14.79 -5.49
C ARG A 296 -7.92 15.85 -5.08
N LEU A 297 -7.91 17.01 -5.71
CA LEU A 297 -6.97 18.10 -5.37
C LEU A 297 -7.24 18.58 -3.95
N LYS A 298 -8.52 18.68 -3.59
CA LYS A 298 -8.91 19.09 -2.28
C LYS A 298 -8.34 18.13 -1.25
N GLN A 299 -8.37 16.81 -1.56
CA GLN A 299 -7.88 15.80 -0.60
C GLN A 299 -6.39 15.95 -0.38
N GLN A 300 -5.64 16.07 -1.51
CA GLN A 300 -4.20 16.17 -1.46
C GLN A 300 -3.81 17.44 -0.71
N TYR A 301 -4.50 18.54 -0.99
CA TYR A 301 -4.13 19.82 -0.40
C TYR A 301 -4.40 19.81 1.10
N THR A 302 -5.57 19.25 1.49
CA THR A 302 -5.94 19.15 2.89
C THR A 302 -4.83 18.44 3.65
N LEU A 303 -4.43 17.29 3.11
CA LEU A 303 -3.35 16.50 3.72
C LEU A 303 -2.04 17.29 3.76
N CYS A 304 -1.71 18.02 2.70
CA CYS A 304 -0.42 18.69 2.78
C CYS A 304 -0.50 19.90 3.70
N SER A 305 -1.65 20.59 3.67
CA SER A 305 -1.76 21.84 4.44
C SER A 305 -1.84 21.57 5.94
N ALA A 306 -2.86 20.81 6.37
CA ALA A 306 -3.03 20.40 7.77
C ALA A 306 -1.72 19.86 8.36
N SER A 307 -1.06 18.90 7.70
CA SER A 307 0.20 18.33 8.20
C SER A 307 1.32 19.38 8.36
N LEU A 308 1.52 20.22 7.32
CA LEU A 308 2.62 21.17 7.40
C LEU A 308 2.32 22.20 8.47
N GLN A 309 1.04 22.62 8.56
CA GLN A 309 0.65 23.54 9.63
C GLN A 309 0.97 22.90 10.97
N ASP A 310 0.72 21.59 11.09
CA ASP A 310 0.95 20.93 12.37
C ASP A 310 2.46 20.82 12.63
N ILE A 311 3.22 20.43 11.61
CA ILE A 311 4.67 20.29 11.71
C ILE A 311 5.34 21.62 12.11
N ILE A 312 4.88 22.73 11.51
CA ILE A 312 5.52 24.03 11.72
C ILE A 312 5.17 24.52 13.12
N SER A 313 3.92 24.27 13.51
CA SER A 313 3.47 24.70 14.81
C SER A 313 4.29 23.98 15.91
N ARG A 314 4.54 22.67 15.75
CA ARG A 314 5.37 21.93 16.68
C ARG A 314 6.83 22.44 16.65
N PHE A 315 7.31 22.79 15.45
CA PHE A 315 8.65 23.35 15.36
C PHE A 315 8.73 24.69 16.12
N GLU A 316 7.72 25.56 16.01
CA GLU A 316 7.81 26.82 16.73
C GLU A 316 7.71 26.59 18.22
N ARG A 317 6.92 25.60 18.64
CA ARG A 317 6.67 25.40 20.06
C ARG A 317 7.92 24.86 20.77
N ARG A 318 8.57 23.87 20.17
CA ARG A 318 9.82 23.31 20.66
C ARG A 318 10.96 24.33 20.60
N SER A 319 10.88 25.31 19.72
CA SER A 319 11.93 26.30 19.56
C SER A 319 11.93 27.30 20.72
N GLY A 320 10.77 27.66 21.29
CA GLY A 320 10.72 28.69 22.33
C GLY A 320 10.99 30.08 21.76
N ASP A 321 11.84 30.86 22.41
CA ASP A 321 12.14 32.23 21.89
C ASP A 321 13.27 32.17 20.86
N ARG A 322 14.12 31.14 20.96
CA ARG A 322 15.26 30.94 20.03
C ARG A 322 14.77 30.37 18.68
N ILE A 323 13.93 31.11 17.94
CA ILE A 323 13.46 30.56 16.68
C ILE A 323 14.33 31.01 15.51
N LYS A 324 15.11 30.08 14.96
CA LYS A 324 15.90 30.27 13.76
C LYS A 324 15.24 29.49 12.64
N TRP A 325 14.64 30.17 11.67
CA TRP A 325 13.94 29.51 10.59
C TRP A 325 14.95 28.72 9.78
N GLU A 326 16.21 29.19 9.80
CA GLU A 326 17.34 28.53 9.19
C GLU A 326 17.44 27.07 9.68
N GLU A 327 17.10 26.83 10.93
CA GLU A 327 17.24 25.48 11.54
C GLU A 327 16.07 24.55 11.19
N PHE A 328 15.05 25.03 10.48
CA PHE A 328 13.88 24.18 10.17
C PHE A 328 14.29 22.86 9.52
N PRO A 329 15.13 22.79 8.47
CA PRO A 329 15.43 21.49 7.83
C PRO A 329 16.41 20.62 8.63
N GLU A 330 16.93 21.19 9.71
CA GLU A 330 17.74 20.46 10.66
C GLU A 330 16.82 19.85 11.70
N LYS A 331 15.55 20.35 11.78
CA LYS A 331 14.57 19.85 12.74
C LYS A 331 13.45 19.01 12.09
N VAL A 332 13.24 19.08 10.75
CA VAL A 332 12.08 18.49 10.10
C VAL A 332 12.55 17.79 8.81
N ALA A 333 12.18 16.52 8.60
CA ALA A 333 12.18 15.90 7.27
C ALA A 333 10.74 15.60 6.86
N VAL A 334 10.38 15.84 5.60
CA VAL A 334 9.05 15.46 5.16
C VAL A 334 9.28 14.51 3.98
N GLN A 335 8.78 13.26 4.05
CA GLN A 335 8.85 12.35 2.90
C GLN A 335 7.52 12.37 2.15
N MET A 336 7.59 12.60 0.83
CA MET A 336 6.42 12.46 -0.04
C MET A 336 6.34 11.04 -0.62
N ASN A 337 5.31 10.32 -0.22
CA ASN A 337 5.10 8.97 -0.68
C ASN A 337 4.40 9.08 -2.04
N ASP A 338 5.16 8.98 -3.15
CA ASP A 338 4.54 9.30 -4.43
C ASP A 338 4.29 10.80 -4.63
N THR A 339 3.52 11.18 -5.66
CA THR A 339 3.27 12.55 -6.02
C THR A 339 1.97 13.11 -5.38
N HIS A 340 1.17 12.30 -4.70
CA HIS A 340 -0.02 12.85 -4.06
C HIS A 340 0.32 13.94 -3.05
N PRO A 341 1.39 13.80 -2.19
CA PRO A 341 1.86 14.89 -1.33
C PRO A 341 2.65 16.06 -1.97
N THR A 342 2.57 16.15 -3.29
CA THR A 342 3.41 17.08 -4.02
C THR A 342 3.14 18.50 -3.56
N LEU A 343 1.91 18.80 -3.09
CA LEU A 343 1.61 20.21 -2.85
C LEU A 343 2.38 20.73 -1.64
N CYS A 344 3.06 19.83 -0.90
CA CYS A 344 3.94 20.18 0.20
C CYS A 344 4.97 21.22 -0.21
N ILE A 345 5.51 21.07 -1.42
CA ILE A 345 6.57 21.95 -1.85
C ILE A 345 6.02 23.37 -1.91
N PRO A 346 5.00 23.70 -2.73
CA PRO A 346 4.47 25.06 -2.70
C PRO A 346 3.78 25.48 -1.40
N GLU A 347 3.21 24.54 -0.63
CA GLU A 347 2.60 24.86 0.65
C GLU A 347 3.66 25.33 1.67
N LEU A 348 4.80 24.64 1.74
CA LEU A 348 5.81 25.06 2.70
C LEU A 348 6.33 26.42 2.26
N MET A 349 6.48 26.60 0.95
CA MET A 349 6.97 27.84 0.42
C MET A 349 6.01 28.96 0.82
N ARG A 350 4.70 28.68 0.64
CA ARG A 350 3.65 29.64 0.97
C ARG A 350 3.75 30.08 2.43
N ILE A 351 3.89 29.13 3.33
CA ILE A 351 3.89 29.43 4.74
C ILE A 351 5.10 30.28 5.11
N LEU A 352 6.28 29.83 4.69
CA LEU A 352 7.52 30.56 4.97
C LEU A 352 7.48 32.01 4.45
N ILE A 353 7.16 32.18 3.18
CA ILE A 353 7.10 33.46 2.52
C ILE A 353 5.94 34.28 3.08
N ASP A 354 4.69 33.81 2.89
CA ASP A 354 3.53 34.66 3.15
C ASP A 354 3.29 34.83 4.65
N LEU A 355 3.54 33.78 5.43
CA LEU A 355 3.18 33.84 6.82
C LEU A 355 4.38 34.18 7.70
N LYS A 356 5.56 33.66 7.37
CA LYS A 356 6.69 33.83 8.29
C LYS A 356 7.59 34.98 7.87
N GLY A 357 7.38 35.53 6.67
CA GLY A 357 8.14 36.66 6.20
C GLY A 357 9.52 36.30 5.62
N LEU A 358 9.79 35.05 5.25
CA LEU A 358 11.14 34.80 4.77
C LEU A 358 11.27 35.34 3.35
N ASN A 359 12.49 35.64 2.89
CA ASN A 359 12.69 35.88 1.45
C ASN A 359 12.53 34.57 0.65
N TRP A 360 12.25 34.75 -0.66
CA TRP A 360 12.17 33.62 -1.57
C TRP A 360 13.35 32.65 -1.41
N ASN A 361 14.60 33.15 -1.44
CA ASN A 361 15.77 32.31 -1.48
C ASN A 361 15.85 31.45 -0.22
N GLU A 362 15.64 32.09 0.93
CA GLU A 362 15.74 31.42 2.20
C GLU A 362 14.68 30.33 2.23
N ALA A 363 13.46 30.66 1.77
CA ALA A 363 12.35 29.72 1.91
C ALA A 363 12.53 28.54 0.95
N TRP A 364 13.18 28.75 -0.19
CA TRP A 364 13.46 27.69 -1.17
C TRP A 364 14.59 26.74 -0.70
N ASN A 365 15.67 27.30 -0.17
CA ASN A 365 16.72 26.52 0.47
C ASN A 365 16.11 25.63 1.54
N ILE A 366 15.24 26.21 2.39
CA ILE A 366 14.63 25.46 3.46
C ILE A 366 13.77 24.34 2.88
N THR A 367 12.96 24.66 1.87
CA THR A 367 11.98 23.71 1.37
C THR A 367 12.68 22.51 0.77
N GLN A 368 13.76 22.79 0.03
CA GLN A 368 14.60 21.79 -0.61
C GLN A 368 15.28 20.79 0.35
N ARG A 369 15.78 21.27 1.50
CA ARG A 369 16.50 20.45 2.45
C ARG A 369 15.49 19.76 3.38
N THR A 370 14.21 20.16 3.29
CA THR A 370 13.18 19.48 4.07
C THR A 370 12.61 18.25 3.37
N VAL A 371 12.27 18.42 2.08
CA VAL A 371 11.33 17.54 1.41
C VAL A 371 12.10 16.51 0.58
N ALA A 372 11.58 15.25 0.53
CA ALA A 372 12.17 14.22 -0.32
C ALA A 372 11.07 13.44 -1.02
N TYR A 373 11.39 12.91 -2.22
CA TYR A 373 10.34 12.26 -3.01
C TYR A 373 10.64 10.78 -3.20
N THR A 374 9.65 9.92 -2.93
CA THR A 374 9.80 8.52 -3.33
C THR A 374 8.91 8.23 -4.51
N ASN A 375 9.49 7.71 -5.60
CA ASN A 375 8.73 7.32 -6.79
C ASN A 375 8.36 5.84 -6.69
N HIS A 376 7.15 5.47 -7.18
CA HIS A 376 6.66 4.09 -7.08
C HIS A 376 6.17 3.54 -8.42
N THR A 377 6.32 4.29 -9.52
CA THR A 377 5.70 3.83 -10.76
C THR A 377 6.77 3.61 -11.82
N VAL A 378 6.39 2.90 -12.88
CA VAL A 378 7.42 2.44 -13.80
C VAL A 378 7.57 3.37 -15.02
N LEU A 379 6.46 3.81 -15.61
CA LEU A 379 6.54 4.51 -16.89
C LEU A 379 5.91 5.91 -16.81
N PRO A 380 6.46 6.90 -17.56
CA PRO A 380 6.02 8.30 -17.51
C PRO A 380 4.66 8.58 -18.15
N GLU A 381 3.61 8.03 -17.54
CA GLU A 381 2.26 8.14 -18.09
C GLU A 381 1.28 7.93 -16.96
N ALA A 382 1.77 7.35 -15.85
CA ALA A 382 0.96 7.32 -14.65
C ALA A 382 1.40 8.45 -13.72
N LEU A 383 2.37 9.28 -14.16
CA LEU A 383 2.87 10.37 -13.32
C LEU A 383 1.82 11.48 -13.31
N GLU A 384 1.41 11.97 -12.14
CA GLU A 384 0.21 12.79 -12.16
C GLU A 384 0.46 14.19 -12.74
N LYS A 385 -0.62 14.73 -13.32
CA LYS A 385 -0.70 16.01 -14.00
C LYS A 385 -2.07 16.60 -13.74
N TRP A 386 -2.14 17.93 -13.62
CA TRP A 386 -3.38 18.63 -13.33
C TRP A 386 -3.60 19.74 -14.38
N SER A 387 -4.87 19.95 -14.72
CA SER A 387 -5.18 21.07 -15.59
C SER A 387 -4.76 22.35 -14.88
N TYR A 388 -4.07 23.21 -15.63
CA TYR A 388 -3.53 24.46 -15.11
C TYR A 388 -4.69 25.32 -14.59
N GLU A 389 -5.76 25.43 -15.37
CA GLU A 389 -6.90 26.30 -15.16
C GLU A 389 -7.61 25.84 -13.89
N LEU A 390 -7.75 24.51 -13.81
CA LEU A 390 -8.35 23.89 -12.65
C LEU A 390 -7.55 24.26 -11.41
N MET A 391 -6.24 24.01 -11.45
CA MET A 391 -5.45 24.19 -10.23
C MET A 391 -5.40 25.67 -9.85
N GLN A 392 -5.45 26.51 -10.87
CA GLN A 392 -5.42 27.97 -10.69
C GLN A 392 -6.68 28.46 -9.99
N LYS A 393 -7.81 27.85 -10.29
CA LYS A 393 -9.08 28.24 -9.68
C LYS A 393 -9.06 27.83 -8.21
N LEU A 394 -8.58 26.60 -7.96
CA LEU A 394 -8.64 26.04 -6.62
C LEU A 394 -7.54 26.60 -5.69
N LEU A 395 -6.30 26.79 -6.20
CA LEU A 395 -5.15 27.12 -5.37
C LEU A 395 -4.37 28.27 -6.03
N PRO A 396 -4.94 29.49 -6.15
CA PRO A 396 -4.29 30.54 -6.95
C PRO A 396 -2.86 30.84 -6.49
N ARG A 397 -2.65 30.85 -5.16
CA ARG A 397 -1.36 31.23 -4.61
C ARG A 397 -0.35 30.13 -4.90
N HIS A 398 -0.76 28.86 -4.76
CA HIS A 398 0.14 27.76 -5.10
C HIS A 398 0.59 27.84 -6.57
N VAL A 399 -0.35 28.23 -7.43
CA VAL A 399 0.03 28.30 -8.86
C VAL A 399 1.02 29.45 -9.04
N GLU A 400 0.89 30.55 -8.29
CA GLU A 400 1.90 31.58 -8.47
C GLU A 400 3.26 30.99 -8.12
N ILE A 401 3.31 30.15 -7.08
CA ILE A 401 4.60 29.76 -6.55
C ILE A 401 5.24 28.75 -7.51
N ILE A 402 4.43 27.81 -7.98
CA ILE A 402 4.88 26.88 -8.98
C ILE A 402 5.39 27.63 -10.21
N GLU A 403 4.66 28.65 -10.68
CA GLU A 403 5.13 29.38 -11.85
C GLU A 403 6.52 29.97 -11.57
N ALA A 404 6.73 30.46 -10.34
CA ALA A 404 8.05 31.00 -10.04
C ALA A 404 9.10 29.90 -9.97
N ILE A 405 8.74 28.74 -9.44
CA ILE A 405 9.72 27.64 -9.38
C ILE A 405 10.05 27.25 -10.82
N ASP A 406 9.04 27.20 -11.67
CA ASP A 406 9.28 26.81 -13.09
C ASP A 406 10.24 27.81 -13.73
N GLU A 407 9.99 29.09 -13.54
CA GLU A 407 10.84 30.10 -14.14
C GLU A 407 12.30 29.99 -13.67
N GLU A 408 12.56 29.68 -12.39
CA GLU A 408 13.94 29.51 -11.94
C GLU A 408 14.61 28.31 -12.60
N LEU A 409 13.85 27.23 -12.73
CA LEU A 409 14.26 26.03 -13.42
C LEU A 409 14.70 26.36 -14.84
N VAL A 410 13.83 27.07 -15.57
CA VAL A 410 14.18 27.54 -16.90
C VAL A 410 15.49 28.32 -16.87
N HIS A 411 15.68 29.24 -15.91
CA HIS A 411 16.90 30.05 -15.93
C HIS A 411 18.10 29.18 -15.60
N GLU A 412 17.89 28.21 -14.72
CA GLU A 412 18.96 27.28 -14.37
C GLU A 412 19.36 26.39 -15.53
N ILE A 413 18.39 25.97 -16.37
CA ILE A 413 18.71 25.03 -17.45
C ILE A 413 19.50 25.74 -18.53
N VAL A 414 19.16 27.00 -18.79
CA VAL A 414 19.81 27.84 -19.76
C VAL A 414 21.25 28.15 -19.33
N LEU A 415 21.46 28.30 -18.00
CA LEU A 415 22.74 28.57 -17.36
C LEU A 415 23.70 27.38 -17.50
N LYS A 416 23.26 26.14 -17.24
CA LYS A 416 24.01 25.02 -17.77
C LYS A 416 23.61 24.85 -19.23
N TYR A 417 24.35 24.05 -19.99
CA TYR A 417 23.90 23.69 -21.33
C TYR A 417 24.13 24.82 -22.34
N GLY A 418 23.93 26.08 -21.91
CA GLY A 418 24.03 27.24 -22.79
C GLY A 418 23.06 27.11 -23.98
N SER A 419 23.24 27.94 -25.01
CA SER A 419 22.28 27.93 -26.10
C SER A 419 22.96 27.82 -27.46
N MET A 420 24.01 27.00 -27.52
CA MET A 420 24.71 26.75 -28.79
C MET A 420 24.01 25.59 -29.50
N ASP A 421 23.29 24.76 -28.73
CA ASP A 421 22.65 23.58 -29.28
C ASP A 421 21.17 23.83 -29.57
N LEU A 422 20.54 24.82 -28.92
CA LEU A 422 19.20 25.25 -29.28
C LEU A 422 18.24 24.05 -29.31
N ASN A 423 18.60 23.05 -30.11
CA ASN A 423 17.98 21.75 -30.21
C ASN A 423 18.12 21.00 -28.88
N LYS A 424 19.32 21.04 -28.29
CA LYS A 424 19.57 20.33 -27.04
C LYS A 424 18.85 21.07 -25.89
N LEU A 425 18.88 22.39 -25.96
CA LEU A 425 18.29 23.27 -24.98
C LEU A 425 16.77 23.11 -24.99
N GLU A 426 16.22 22.96 -26.21
CA GLU A 426 14.77 22.88 -26.35
C GLU A 426 14.30 21.57 -25.75
N GLU A 427 15.02 20.47 -26.05
CA GLU A 427 14.74 19.14 -25.52
C GLU A 427 14.60 19.24 -23.99
N LYS A 428 15.67 19.78 -23.40
CA LYS A 428 15.82 19.86 -21.95
C LYS A 428 14.66 20.65 -21.36
N LEU A 429 14.38 21.83 -21.93
CA LEU A 429 13.33 22.72 -21.48
C LEU A 429 11.96 22.06 -21.60
N THR A 430 11.72 21.35 -22.72
CA THR A 430 10.44 20.69 -22.95
C THR A 430 10.25 19.57 -21.92
N THR A 431 11.23 18.65 -21.83
CA THR A 431 11.14 17.52 -20.91
C THR A 431 10.99 17.98 -19.45
N MET A 432 11.80 18.97 -19.03
CA MET A 432 12.04 19.12 -17.61
C MET A 432 11.12 20.14 -16.95
N ARG A 433 10.52 21.03 -17.75
CA ARG A 433 9.72 22.10 -17.18
C ARG A 433 8.50 21.50 -16.48
N ILE A 434 8.04 22.22 -15.46
CA ILE A 434 6.94 21.74 -14.65
C ILE A 434 5.64 22.02 -15.39
N LEU A 435 5.64 23.15 -16.10
CA LEU A 435 4.46 23.56 -16.85
C LEU A 435 4.57 23.06 -18.27
N GLU A 436 3.54 22.32 -18.70
CA GLU A 436 3.46 21.74 -20.02
C GLU A 436 2.59 22.61 -20.93
N ASN A 437 3.06 22.80 -22.18
CA ASN A 437 2.32 23.51 -23.21
C ASN A 437 2.24 24.98 -22.82
N PHE A 438 3.34 25.50 -22.27
CA PHE A 438 3.45 26.92 -21.95
C PHE A 438 4.45 27.64 -22.85
N ASP A 439 4.42 28.97 -22.70
CA ASP A 439 5.35 29.86 -23.37
C ASP A 439 6.55 30.12 -22.46
N LEU A 440 7.76 30.16 -23.04
CA LEU A 440 9.00 30.47 -22.34
C LEU A 440 9.01 31.95 -21.96
N PRO A 441 9.70 32.35 -20.86
CA PRO A 441 9.91 33.78 -20.57
C PRO A 441 10.67 34.52 -21.67
N SER A 442 11.98 34.27 -21.82
CA SER A 442 12.74 34.81 -22.94
C SER A 442 13.53 33.71 -23.66
N SER A 443 13.70 33.90 -24.96
CA SER A 443 14.10 32.83 -25.86
C SER A 443 14.22 33.34 -27.29
N VAL A 444 14.54 32.40 -28.19
CA VAL A 444 15.25 32.69 -29.41
C VAL A 444 14.89 31.65 -30.46
N ALA A 445 14.41 32.13 -31.62
CA ALA A 445 14.15 31.35 -32.83
C ALA A 445 14.35 32.23 -34.06
N GLU A 446 14.37 33.56 -33.87
CA GLU A 446 14.40 34.54 -34.95
C GLU A 446 15.54 35.56 -34.77
N ILE A 511 -4.81 22.96 -30.31
CA ILE A 511 -4.52 23.96 -29.23
C ILE A 511 -4.33 23.21 -27.91
N PRO A 512 -3.09 22.88 -27.49
CA PRO A 512 -2.89 21.86 -26.46
C PRO A 512 -3.17 22.43 -25.06
N PRO A 513 -3.81 21.66 -24.14
CA PRO A 513 -4.19 22.18 -22.83
C PRO A 513 -3.04 22.34 -21.82
N LYS A 514 -2.96 23.51 -21.16
CA LYS A 514 -1.89 23.81 -20.20
C LYS A 514 -2.00 22.91 -18.96
N LYS A 515 -0.85 22.35 -18.56
CA LYS A 515 -0.80 21.41 -17.45
C LYS A 515 0.36 21.68 -16.50
N VAL A 516 0.18 21.18 -15.27
CA VAL A 516 1.18 21.09 -14.22
C VAL A 516 1.60 19.63 -13.98
N ARG A 517 2.87 19.34 -14.28
CA ARG A 517 3.53 18.05 -14.06
C ARG A 517 4.01 17.92 -12.61
N MET A 518 3.25 17.21 -11.77
CA MET A 518 3.56 17.02 -10.36
C MET A 518 4.89 16.30 -10.16
N ALA A 519 5.20 15.36 -11.05
CA ALA A 519 6.41 14.58 -10.87
C ALA A 519 7.65 15.47 -11.09
N ASN A 520 7.57 16.40 -12.05
CA ASN A 520 8.63 17.36 -12.29
C ASN A 520 8.80 18.23 -11.05
N LEU A 521 7.65 18.70 -10.52
CA LEU A 521 7.67 19.53 -9.33
C LEU A 521 8.40 18.79 -8.19
N CYS A 522 8.14 17.48 -8.02
CA CYS A 522 8.63 16.77 -6.86
C CYS A 522 10.13 16.64 -6.95
N VAL A 523 10.63 16.31 -8.14
CA VAL A 523 12.05 16.19 -8.38
C VAL A 523 12.76 17.53 -8.15
N VAL A 524 12.21 18.61 -8.69
CA VAL A 524 12.80 19.93 -8.53
C VAL A 524 12.80 20.35 -7.07
N GLY A 525 11.72 20.02 -6.34
CA GLY A 525 11.50 20.70 -5.07
C GLY A 525 12.13 20.01 -3.87
N GLY A 526 12.70 18.81 -3.99
CA GLY A 526 13.29 18.14 -2.84
C GLY A 526 14.78 17.81 -3.00
N HIS A 527 15.37 17.20 -1.97
CA HIS A 527 16.80 16.98 -2.03
C HIS A 527 17.10 15.51 -2.26
N ALA A 528 16.07 14.67 -2.29
CA ALA A 528 16.33 13.27 -2.62
C ALA A 528 15.20 12.71 -3.48
N VAL A 529 15.52 11.81 -4.40
CA VAL A 529 14.50 11.09 -5.15
C VAL A 529 14.88 9.63 -5.10
N ASN A 530 14.02 8.75 -4.64
CA ASN A 530 14.36 7.32 -4.67
C ASN A 530 13.28 6.47 -5.35
N GLY A 531 13.76 5.48 -6.11
CA GLY A 531 13.03 4.28 -6.49
C GLY A 531 13.00 3.27 -5.34
N VAL A 532 12.32 2.13 -5.60
CA VAL A 532 11.84 1.25 -4.55
C VAL A 532 12.36 -0.18 -4.75
N ALA A 533 13.29 -0.35 -5.69
CA ALA A 533 14.07 -1.56 -5.99
C ALA A 533 15.30 -1.17 -6.80
N GLU A 534 16.39 -1.95 -6.74
CA GLU A 534 17.61 -1.75 -7.55
C GLU A 534 17.32 -1.35 -9.00
N ILE A 535 16.65 -2.27 -9.74
CA ILE A 535 16.32 -2.08 -11.16
C ILE A 535 15.44 -0.83 -11.34
N HIS A 536 14.40 -0.69 -10.48
CA HIS A 536 13.48 0.42 -10.54
C HIS A 536 14.20 1.77 -10.48
N SER A 537 15.01 1.99 -9.43
CA SER A 537 15.75 3.21 -9.15
C SER A 537 16.72 3.54 -10.27
N GLU A 538 17.23 2.49 -10.94
CA GLU A 538 18.06 2.63 -12.14
C GLU A 538 17.21 3.13 -13.32
N ILE A 539 15.97 2.65 -13.42
CA ILE A 539 15.04 3.12 -14.43
C ILE A 539 14.63 4.58 -14.16
N VAL A 540 14.41 4.93 -12.88
CA VAL A 540 14.07 6.31 -12.55
C VAL A 540 15.17 7.28 -13.01
N LYS A 541 16.45 6.92 -12.84
CA LYS A 541 17.59 7.75 -13.25
C LYS A 541 17.81 7.74 -14.78
N GLU A 542 17.36 6.69 -15.47
CA GLU A 542 17.77 6.48 -16.84
C GLU A 542 16.65 6.78 -17.84
N GLU A 543 15.38 6.71 -17.40
CA GLU A 543 14.25 6.69 -18.31
C GLU A 543 13.09 7.54 -17.81
N VAL A 544 12.90 7.68 -16.49
CA VAL A 544 11.80 8.54 -16.06
C VAL A 544 12.30 9.99 -16.06
N PHE A 545 13.40 10.26 -15.35
CA PHE A 545 13.91 11.60 -15.15
C PHE A 545 15.36 11.75 -15.62
N ASN A 546 15.71 11.21 -16.81
CA ASN A 546 17.11 11.18 -17.20
C ASN A 546 17.76 12.56 -17.10
N ASP A 547 17.08 13.58 -17.65
CA ASP A 547 17.62 14.94 -17.68
C ASP A 547 17.90 15.48 -16.27
N PHE A 548 16.98 15.17 -15.33
CA PHE A 548 17.14 15.60 -13.94
C PHE A 548 18.36 14.93 -13.31
N TYR A 549 18.61 13.68 -13.69
CA TYR A 549 19.77 12.96 -13.21
C TYR A 549 21.07 13.49 -13.82
N GLU A 550 21.03 13.96 -15.07
CA GLU A 550 22.23 14.51 -15.66
C GLU A 550 22.55 15.84 -14.99
N LEU A 551 21.51 16.49 -14.46
CA LEU A 551 21.63 17.81 -13.89
C LEU A 551 21.96 17.71 -12.41
N TRP A 552 21.20 16.90 -11.65
CA TRP A 552 21.44 16.80 -10.21
C TRP A 552 21.68 15.36 -9.82
N PRO A 553 22.79 14.73 -10.22
CA PRO A 553 22.89 13.28 -10.12
C PRO A 553 22.77 12.92 -8.65
N GLU A 554 23.03 13.89 -7.79
CA GLU A 554 23.21 13.55 -6.39
C GLU A 554 21.85 13.43 -5.67
N LYS A 555 20.73 13.85 -6.26
CA LYS A 555 19.47 13.64 -5.56
C LYS A 555 19.05 12.17 -5.60
N PHE A 556 19.53 11.38 -6.59
CA PHE A 556 18.90 10.08 -6.86
C PHE A 556 19.52 8.94 -6.08
N GLN A 557 18.64 8.12 -5.52
CA GLN A 557 19.01 7.06 -4.60
C GLN A 557 18.07 5.88 -4.83
N ASN A 558 18.31 4.80 -4.08
CA ASN A 558 17.44 3.63 -4.09
C ASN A 558 17.12 3.31 -2.62
N LYS A 559 15.86 2.98 -2.34
CA LYS A 559 15.57 2.35 -1.07
C LYS A 559 14.67 1.15 -1.30
N THR A 560 15.28 -0.03 -1.35
CA THR A 560 14.50 -1.24 -1.58
C THR A 560 13.49 -1.42 -0.48
N ASN A 561 12.23 -1.62 -0.89
CA ASN A 561 11.12 -1.87 0.05
C ASN A 561 11.43 -3.10 0.92
N GLY A 562 10.55 -3.34 1.89
CA GLY A 562 10.70 -4.33 2.96
C GLY A 562 9.35 -4.38 3.63
N VAL A 563 9.10 -5.39 4.48
CA VAL A 563 7.88 -5.42 5.26
C VAL A 563 8.27 -5.78 6.70
N THR A 564 7.39 -5.52 7.67
CA THR A 564 7.84 -5.72 9.05
C THR A 564 7.73 -7.19 9.43
N PRO A 565 8.77 -7.79 10.06
CA PRO A 565 8.65 -9.17 10.51
C PRO A 565 7.87 -9.30 11.81
N ARG A 566 7.44 -8.18 12.44
CA ARG A 566 6.49 -8.32 13.53
C ARG A 566 5.14 -8.77 12.96
N ARG A 567 4.44 -7.86 12.24
CA ARG A 567 3.14 -8.26 11.71
C ARG A 567 3.25 -9.51 10.84
N TRP A 568 4.33 -9.68 10.06
CA TRP A 568 4.33 -10.61 8.95
C TRP A 568 5.12 -11.89 9.25
N ILE A 569 5.71 -12.05 10.46
CA ILE A 569 6.08 -13.39 10.90
C ILE A 569 5.62 -13.64 12.33
N ARG A 570 6.00 -12.76 13.27
CA ARG A 570 5.95 -13.03 14.71
C ARG A 570 4.50 -13.11 15.19
N PHE A 571 3.63 -12.31 14.57
CA PHE A 571 2.26 -12.25 15.06
C PHE A 571 1.33 -13.01 14.13
N CYS A 572 1.55 -13.00 12.79
CA CYS A 572 0.63 -13.78 11.97
C CYS A 572 0.95 -15.27 12.00
N ASN A 573 2.20 -15.67 12.25
CA ASN A 573 2.55 -17.08 12.10
C ASN A 573 3.23 -17.59 13.36
N PRO A 574 2.49 -17.75 14.48
CA PRO A 574 3.09 -18.28 15.71
C PRO A 574 3.86 -19.60 15.60
N PRO A 575 3.32 -20.69 15.01
CA PRO A 575 4.06 -21.96 14.94
C PRO A 575 5.40 -21.77 14.20
N LEU A 576 5.42 -20.94 13.17
CA LEU A 576 6.70 -20.80 12.52
C LEU A 576 7.65 -19.99 13.42
N SER A 577 7.11 -19.08 14.23
CA SER A 577 7.94 -18.28 15.13
C SER A 577 8.63 -19.17 16.16
N ALA A 578 7.87 -20.11 16.75
CA ALA A 578 8.38 -21.05 17.71
C ALA A 578 9.55 -21.79 17.08
N ILE A 579 9.46 -22.09 15.77
CA ILE A 579 10.52 -22.88 15.13
C ILE A 579 11.80 -22.04 14.95
N ILE A 580 11.61 -20.79 14.51
CA ILE A 580 12.69 -19.87 14.23
C ILE A 580 13.46 -19.65 15.53
N THR A 581 12.75 -19.43 16.62
CA THR A 581 13.37 -19.25 17.94
C THR A 581 14.19 -20.47 18.32
N LYS A 582 13.67 -21.66 18.06
CA LYS A 582 14.40 -22.85 18.44
C LYS A 582 15.68 -22.98 17.60
N TRP A 583 15.56 -22.85 16.27
CA TRP A 583 16.68 -23.23 15.41
C TRP A 583 17.68 -22.09 15.34
N THR A 584 17.27 -20.87 15.67
CA THR A 584 18.26 -19.81 15.65
C THR A 584 18.84 -19.57 17.05
N GLY A 585 18.24 -20.14 18.09
CA GLY A 585 18.83 -20.05 19.43
C GLY A 585 18.21 -19.02 20.37
N THR A 586 17.60 -17.94 19.82
CA THR A 586 16.93 -16.93 20.65
C THR A 586 15.64 -16.42 20.00
N GLU A 587 14.94 -15.53 20.73
CA GLU A 587 13.83 -14.72 20.23
C GLU A 587 14.34 -13.45 19.50
N ASP A 588 15.67 -13.29 19.35
CA ASP A 588 16.29 -12.05 18.89
C ASP A 588 16.10 -11.74 17.42
N TRP A 589 15.66 -12.74 16.66
CA TRP A 589 15.46 -12.63 15.22
C TRP A 589 14.43 -11.57 14.81
N VAL A 590 13.40 -11.33 15.64
CA VAL A 590 12.34 -10.36 15.42
C VAL A 590 12.96 -8.95 15.33
N LEU A 591 14.07 -8.72 16.03
CA LEU A 591 14.86 -7.49 15.88
C LEU A 591 16.05 -7.71 14.93
N LYS A 592 16.83 -8.77 15.16
CA LYS A 592 18.01 -8.96 14.35
C LYS A 592 17.66 -10.01 13.30
N THR A 593 16.96 -9.55 12.26
CA THR A 593 16.29 -10.45 11.35
C THR A 593 17.31 -11.15 10.46
N GLU A 594 18.57 -10.67 10.45
CA GLU A 594 19.65 -11.40 9.79
C GLU A 594 19.84 -12.81 10.35
N LYS A 595 19.41 -13.11 11.59
CA LYS A 595 19.56 -14.46 12.12
C LYS A 595 18.69 -15.50 11.36
N LEU A 596 17.71 -15.08 10.53
CA LEU A 596 16.98 -16.03 9.71
C LEU A 596 17.99 -16.74 8.82
N ALA A 597 19.10 -16.07 8.47
CA ALA A 597 20.06 -16.75 7.62
C ALA A 597 20.60 -18.05 8.25
N GLU A 598 20.53 -18.21 9.58
CA GLU A 598 21.11 -19.36 10.27
C GLU A 598 20.31 -20.63 10.01
N LEU A 599 19.11 -20.49 9.41
CA LEU A 599 18.34 -21.64 8.98
C LEU A 599 18.96 -22.36 7.77
N GLN A 600 19.69 -21.69 6.90
CA GLN A 600 20.29 -22.30 5.69
C GLN A 600 21.03 -23.61 5.98
N LYS A 601 21.84 -23.65 7.03
CA LYS A 601 22.64 -24.85 7.34
C LYS A 601 21.75 -26.00 7.80
N PHE A 602 20.46 -25.77 8.02
CA PHE A 602 19.56 -26.81 8.49
C PHE A 602 18.49 -27.15 7.48
N ALA A 603 18.58 -26.64 6.26
CA ALA A 603 17.50 -26.80 5.30
C ALA A 603 17.24 -28.27 4.94
N ASP A 604 18.22 -29.14 5.17
CA ASP A 604 18.14 -30.54 4.77
C ASP A 604 17.96 -31.42 6.00
N ASN A 605 17.96 -30.78 7.18
CA ASN A 605 17.78 -31.45 8.45
C ASN A 605 16.35 -32.01 8.57
N GLU A 606 16.22 -33.27 8.99
CA GLU A 606 14.92 -33.94 8.89
C GLU A 606 13.99 -33.55 10.04
N ASP A 607 14.54 -33.26 11.23
CA ASP A 607 13.72 -32.77 12.33
C ASP A 607 13.22 -31.37 12.03
N LEU A 608 14.08 -30.52 11.44
CA LEU A 608 13.64 -29.16 11.11
C LEU A 608 12.52 -29.31 10.08
N GLN A 609 12.74 -30.22 9.13
CA GLN A 609 11.77 -30.35 8.06
C GLN A 609 10.41 -30.78 8.59
N ASN A 610 10.39 -31.76 9.50
CA ASN A 610 9.15 -32.24 10.11
C ASN A 610 8.40 -31.14 10.86
N GLU A 611 9.12 -30.40 11.71
CA GLU A 611 8.47 -29.26 12.34
C GLU A 611 7.93 -28.30 11.27
N TRP A 612 8.73 -28.08 10.23
CA TRP A 612 8.37 -27.08 9.24
C TRP A 612 7.04 -27.44 8.60
N ARG A 613 6.87 -28.74 8.30
CA ARG A 613 5.68 -29.23 7.65
C ARG A 613 4.47 -29.15 8.60
N GLU A 614 4.67 -29.48 9.88
CA GLU A 614 3.55 -29.45 10.80
C GLU A 614 3.14 -27.99 10.98
N ALA A 615 4.12 -27.10 11.03
CA ALA A 615 3.76 -25.69 11.11
C ALA A 615 2.91 -25.27 9.89
N LYS A 616 3.36 -25.60 8.70
CA LYS A 616 2.60 -25.24 7.48
C LYS A 616 1.20 -25.85 7.54
N ARG A 617 1.09 -27.13 7.89
CA ARG A 617 -0.21 -27.84 7.93
C ARG A 617 -1.16 -27.20 8.95
N SER A 618 -0.63 -26.87 10.12
CA SER A 618 -1.44 -26.27 11.15
C SER A 618 -2.03 -24.95 10.63
N ASN A 619 -1.21 -24.16 9.91
CA ASN A 619 -1.67 -22.88 9.42
C ASN A 619 -2.77 -23.10 8.39
N LYS A 620 -2.63 -24.16 7.60
CA LYS A 620 -3.62 -24.45 6.56
C LYS A 620 -4.92 -24.94 7.20
N ILE A 621 -4.87 -25.65 8.34
CA ILE A 621 -6.08 -26.03 9.02
C ILE A 621 -6.91 -24.81 9.42
N LYS A 622 -6.29 -23.77 9.97
CA LYS A 622 -6.97 -22.52 10.27
C LYS A 622 -7.66 -21.94 9.01
N VAL A 623 -6.99 -21.98 7.87
CA VAL A 623 -7.53 -21.45 6.63
C VAL A 623 -8.71 -22.31 6.16
N VAL A 624 -8.66 -23.64 6.32
CA VAL A 624 -9.75 -24.47 5.88
C VAL A 624 -11.06 -23.97 6.53
N SER A 625 -11.01 -23.72 7.86
CA SER A 625 -12.20 -23.24 8.52
C SER A 625 -12.67 -21.91 7.93
N PHE A 626 -11.70 -21.05 7.63
CA PHE A 626 -11.99 -19.71 7.12
C PHE A 626 -12.60 -19.79 5.71
N LEU A 627 -12.14 -20.76 4.93
CA LEU A 627 -12.64 -20.82 3.56
C LEU A 627 -14.08 -21.28 3.60
N LYS A 628 -14.42 -22.10 4.60
CA LYS A 628 -15.76 -22.66 4.77
C LYS A 628 -16.77 -21.53 4.98
N GLU A 629 -16.48 -20.63 5.93
CA GLU A 629 -17.39 -19.55 6.25
C GLU A 629 -17.37 -18.43 5.19
N LYS A 630 -16.22 -18.14 4.55
CA LYS A 630 -16.18 -17.00 3.65
C LYS A 630 -16.52 -17.30 2.20
N THR A 631 -16.20 -18.52 1.70
CA THR A 631 -16.44 -18.82 0.29
C THR A 631 -17.51 -19.88 0.15
N GLY A 632 -17.70 -20.69 1.19
CA GLY A 632 -18.75 -21.67 1.22
C GLY A 632 -18.31 -23.04 0.71
N TYR A 633 -17.01 -23.21 0.54
CA TYR A 633 -16.45 -24.44 -0.03
C TYR A 633 -15.59 -25.10 1.02
N SER A 634 -15.67 -26.42 1.09
CA SER A 634 -14.94 -27.18 2.08
C SER A 634 -13.75 -27.82 1.35
N VAL A 635 -12.52 -27.58 1.82
CA VAL A 635 -11.32 -28.00 1.11
C VAL A 635 -10.47 -28.80 2.10
N VAL A 636 -9.50 -29.55 1.60
CA VAL A 636 -8.68 -30.38 2.47
C VAL A 636 -7.32 -29.72 2.66
N PRO A 637 -6.69 -29.90 3.84
CA PRO A 637 -5.39 -29.26 4.09
C PRO A 637 -4.24 -30.02 3.43
N ASP A 638 -4.49 -31.22 2.88
CA ASP A 638 -3.43 -32.02 2.27
C ASP A 638 -3.44 -31.80 0.76
N ALA A 639 -3.16 -30.57 0.36
CA ALA A 639 -3.22 -30.10 -1.01
C ALA A 639 -2.32 -28.89 -1.01
N MET A 640 -1.75 -28.60 -2.15
CA MET A 640 -0.89 -27.46 -2.24
C MET A 640 -1.83 -26.25 -2.24
N PHE A 641 -1.55 -25.27 -1.37
CA PHE A 641 -2.27 -24.01 -1.42
C PHE A 641 -1.53 -23.06 -2.40
N ASP A 642 -2.14 -22.84 -3.56
CA ASP A 642 -1.64 -22.02 -4.65
C ASP A 642 -2.41 -20.69 -4.67
N ILE A 643 -1.74 -19.59 -4.27
CA ILE A 643 -2.41 -18.36 -3.90
C ILE A 643 -2.07 -17.21 -4.83
N GLN A 644 -3.11 -16.51 -5.27
CA GLN A 644 -2.85 -15.28 -6.02
C GLN A 644 -3.75 -14.18 -5.45
N VAL A 645 -3.14 -13.34 -4.60
CA VAL A 645 -3.89 -12.29 -3.96
C VAL A 645 -3.33 -10.93 -4.35
N LYS A 646 -4.11 -10.21 -5.17
CA LYS A 646 -3.72 -8.83 -5.39
C LYS A 646 -4.76 -8.16 -6.26
N ARG A 647 -4.62 -6.84 -6.39
CA ARG A 647 -5.48 -6.02 -7.21
C ARG A 647 -5.80 -6.76 -8.51
N ILE A 648 -7.09 -6.79 -8.88
CA ILE A 648 -7.47 -7.45 -10.11
C ILE A 648 -7.27 -6.49 -11.27
N HIS A 649 -6.42 -6.90 -12.23
CA HIS A 649 -6.05 -6.08 -13.37
C HIS A 649 -5.54 -6.99 -14.50
N GLU A 650 -5.83 -6.61 -15.74
CA GLU A 650 -5.36 -7.31 -16.93
C GLU A 650 -3.84 -7.42 -16.87
N TYR A 651 -3.16 -6.43 -16.30
CA TYR A 651 -1.70 -6.52 -16.27
C TYR A 651 -1.18 -7.39 -15.13
N LYS A 652 -2.03 -7.67 -14.14
CA LYS A 652 -1.63 -8.55 -13.00
C LYS A 652 -1.74 -10.01 -13.44
N ARG A 653 -2.56 -10.25 -14.46
CA ARG A 653 -2.68 -11.57 -15.12
C ARG A 653 -3.33 -12.66 -14.28
N GLN A 654 -4.26 -12.31 -13.41
CA GLN A 654 -5.11 -13.37 -12.89
C GLN A 654 -5.62 -14.22 -14.04
N LEU A 655 -5.86 -13.61 -15.21
CA LEU A 655 -6.51 -14.33 -16.28
C LEU A 655 -5.60 -15.48 -16.71
N LEU A 656 -4.29 -15.29 -16.67
CA LEU A 656 -3.33 -16.33 -17.03
C LEU A 656 -3.49 -17.52 -16.08
N ASN A 657 -3.42 -17.25 -14.77
CA ASN A 657 -3.51 -18.26 -13.72
C ASN A 657 -4.77 -19.10 -13.93
N ILE A 658 -5.94 -18.42 -14.01
CA ILE A 658 -7.22 -19.09 -14.11
C ILE A 658 -7.27 -19.89 -15.41
N PHE A 659 -6.69 -19.35 -16.50
CA PHE A 659 -6.56 -20.05 -17.77
C PHE A 659 -5.73 -21.32 -17.59
N GLY A 660 -4.65 -21.24 -16.81
CA GLY A 660 -3.85 -22.42 -16.50
C GLY A 660 -4.67 -23.45 -15.75
N ILE A 661 -5.46 -22.97 -14.81
CA ILE A 661 -6.31 -23.85 -14.05
C ILE A 661 -7.28 -24.56 -15.01
N VAL A 662 -7.96 -23.77 -15.87
CA VAL A 662 -8.93 -24.29 -16.81
C VAL A 662 -8.25 -25.31 -17.67
N TYR A 663 -6.97 -25.07 -17.99
CA TYR A 663 -6.28 -26.05 -18.83
C TYR A 663 -6.23 -27.40 -18.13
N ARG A 664 -5.81 -27.39 -16.84
CA ARG A 664 -5.44 -28.63 -16.17
C ARG A 664 -6.72 -29.41 -15.94
N TYR A 665 -7.79 -28.65 -15.67
CA TYR A 665 -9.10 -29.21 -15.41
C TYR A 665 -9.60 -29.92 -16.67
N LYS A 666 -9.37 -29.31 -17.84
CA LYS A 666 -9.69 -29.92 -19.12
C LYS A 666 -8.91 -31.23 -19.33
N LYS A 667 -7.60 -31.20 -19.01
CA LYS A 667 -6.79 -32.40 -19.08
C LYS A 667 -7.31 -33.46 -18.13
N MET A 668 -7.53 -33.11 -16.84
CA MET A 668 -8.09 -34.03 -15.87
C MET A 668 -9.32 -34.79 -16.40
N LYS A 669 -10.18 -34.10 -17.18
CA LYS A 669 -11.50 -34.59 -17.52
C LYS A 669 -11.43 -35.60 -18.67
N GLU A 670 -10.29 -35.63 -19.36
CA GLU A 670 -10.05 -36.43 -20.54
C GLU A 670 -9.13 -37.59 -20.18
N MET A 671 -9.04 -37.86 -18.88
CA MET A 671 -8.18 -38.90 -18.34
C MET A 671 -9.06 -39.75 -17.42
N THR A 672 -8.58 -40.97 -17.08
CA THR A 672 -9.24 -41.77 -16.07
C THR A 672 -8.89 -41.19 -14.69
N ALA A 673 -9.62 -41.68 -13.68
CA ALA A 673 -9.41 -41.35 -12.27
C ALA A 673 -7.96 -41.58 -11.85
N ALA A 674 -7.44 -42.74 -12.25
CA ALA A 674 -6.11 -43.23 -11.96
C ALA A 674 -5.06 -42.35 -12.62
N GLU A 675 -5.30 -41.96 -13.87
CA GLU A 675 -4.36 -41.10 -14.61
C GLU A 675 -4.38 -39.71 -13.98
N ARG A 676 -5.57 -39.26 -13.60
CA ARG A 676 -5.73 -37.93 -12.97
C ARG A 676 -4.86 -37.86 -11.71
N LYS A 677 -4.74 -38.95 -10.97
CA LYS A 677 -4.04 -38.89 -9.69
C LYS A 677 -2.54 -38.96 -9.93
N THR A 678 -2.10 -39.60 -10.99
CA THR A 678 -0.67 -39.73 -11.24
C THR A 678 -0.10 -38.44 -11.80
N ASN A 679 -0.92 -37.71 -12.55
CA ASN A 679 -0.43 -36.62 -13.36
C ASN A 679 -0.55 -35.23 -12.69
N PHE A 680 -1.36 -35.11 -11.63
CA PHE A 680 -1.60 -33.84 -10.97
C PHE A 680 -1.64 -34.01 -9.45
N VAL A 681 -0.85 -33.20 -8.72
CA VAL A 681 -0.93 -33.13 -7.27
C VAL A 681 -2.21 -32.39 -6.90
N PRO A 682 -2.83 -32.68 -5.73
CA PRO A 682 -4.04 -31.99 -5.30
C PRO A 682 -3.72 -30.53 -4.99
N ARG A 683 -4.66 -29.62 -5.34
CA ARG A 683 -4.45 -28.22 -5.06
C ARG A 683 -5.73 -27.49 -4.63
N VAL A 684 -5.49 -26.43 -3.89
CA VAL A 684 -6.52 -25.42 -3.55
C VAL A 684 -5.96 -24.12 -4.11
N CYS A 685 -6.59 -23.59 -5.15
CA CYS A 685 -6.15 -22.38 -5.84
C CYS A 685 -6.98 -21.22 -5.31
N ILE A 686 -6.34 -20.31 -4.56
CA ILE A 686 -7.02 -19.25 -3.83
C ILE A 686 -6.74 -17.92 -4.52
N PHE A 687 -7.83 -17.21 -4.86
CA PHE A 687 -7.70 -15.90 -5.48
C PHE A 687 -8.32 -14.92 -4.52
N GLY A 688 -7.89 -13.64 -4.58
CA GLY A 688 -8.52 -12.57 -3.82
C GLY A 688 -8.05 -11.22 -4.38
N GLY A 689 -8.74 -10.15 -4.04
CA GLY A 689 -8.36 -8.85 -4.56
C GLY A 689 -9.57 -8.17 -5.15
N LYS A 690 -9.44 -6.86 -5.32
CA LYS A 690 -10.55 -6.01 -5.69
C LYS A 690 -10.35 -5.51 -7.10
N ALA A 691 -11.50 -5.42 -7.77
CA ALA A 691 -11.49 -4.81 -9.07
C ALA A 691 -12.01 -3.37 -8.95
N PHE A 692 -11.29 -2.41 -9.56
CA PHE A 692 -11.80 -1.06 -9.77
C PHE A 692 -13.19 -1.16 -10.41
N ALA A 693 -14.19 -0.41 -9.93
CA ALA A 693 -15.58 -0.80 -10.08
C ALA A 693 -16.12 -0.60 -11.50
N THR A 694 -15.51 0.32 -12.24
CA THR A 694 -15.95 0.68 -13.58
C THR A 694 -15.02 0.05 -14.62
N TYR A 695 -14.07 -0.77 -14.14
CA TYR A 695 -13.17 -1.56 -14.98
C TYR A 695 -13.87 -2.86 -15.37
N VAL A 696 -14.61 -2.81 -16.50
CA VAL A 696 -15.56 -3.84 -16.90
C VAL A 696 -14.88 -5.21 -17.00
N GLN A 697 -13.69 -5.25 -17.61
CA GLN A 697 -12.93 -6.46 -17.86
C GLN A 697 -12.48 -7.10 -16.56
N ALA A 698 -11.89 -6.31 -15.65
CA ALA A 698 -11.45 -6.81 -14.36
C ALA A 698 -12.65 -7.40 -13.65
N LYS A 699 -13.81 -6.71 -13.74
CA LYS A 699 -14.97 -7.22 -13.03
C LYS A 699 -15.34 -8.56 -13.66
N ARG A 700 -15.07 -8.70 -14.96
CA ARG A 700 -15.48 -9.86 -15.73
C ARG A 700 -14.57 -11.05 -15.40
N ILE A 701 -13.28 -10.77 -15.09
CA ILE A 701 -12.30 -11.78 -14.67
C ILE A 701 -12.70 -12.33 -13.29
N VAL A 702 -13.20 -11.47 -12.40
CA VAL A 702 -13.66 -11.97 -11.11
C VAL A 702 -14.82 -12.96 -11.29
N LYS A 703 -15.84 -12.59 -12.07
CA LYS A 703 -16.98 -13.43 -12.37
C LYS A 703 -16.49 -14.74 -13.00
N PHE A 704 -15.49 -14.60 -13.86
CA PHE A 704 -14.95 -15.77 -14.50
C PHE A 704 -14.43 -16.74 -13.45
N ILE A 705 -13.59 -16.27 -12.50
CA ILE A 705 -12.94 -17.14 -11.55
C ILE A 705 -14.04 -17.82 -10.74
N THR A 706 -15.05 -17.04 -10.33
CA THR A 706 -16.13 -17.63 -9.56
C THR A 706 -16.87 -18.69 -10.37
N ASP A 707 -17.06 -18.48 -11.67
CA ASP A 707 -17.75 -19.53 -12.42
C ASP A 707 -16.87 -20.77 -12.63
N VAL A 708 -15.56 -20.58 -12.86
CA VAL A 708 -14.67 -21.74 -12.96
C VAL A 708 -14.70 -22.55 -11.66
N GLY A 709 -14.75 -21.85 -10.51
CA GLY A 709 -14.85 -22.49 -9.21
C GLY A 709 -16.21 -23.15 -8.99
N ALA A 710 -17.31 -22.47 -9.37
CA ALA A 710 -18.56 -23.19 -9.24
C ALA A 710 -18.48 -24.52 -9.99
N THR A 711 -17.94 -24.49 -11.22
CA THR A 711 -17.92 -25.71 -12.01
C THR A 711 -16.92 -26.74 -11.47
N ILE A 712 -15.67 -26.36 -11.22
CA ILE A 712 -14.72 -27.37 -10.77
C ILE A 712 -15.15 -27.93 -9.41
N ASN A 713 -15.52 -27.04 -8.49
CA ASN A 713 -15.60 -27.43 -7.10
C ASN A 713 -16.82 -28.35 -6.92
N HIS A 714 -17.70 -28.43 -7.93
CA HIS A 714 -18.90 -29.24 -7.76
C HIS A 714 -18.84 -30.49 -8.63
N ASP A 715 -17.73 -30.69 -9.34
CA ASP A 715 -17.59 -31.77 -10.31
C ASP A 715 -17.14 -33.05 -9.62
N PRO A 716 -17.98 -34.11 -9.54
CA PRO A 716 -17.65 -35.28 -8.71
C PRO A 716 -16.51 -36.15 -9.24
N GLU A 717 -16.14 -35.97 -10.52
CA GLU A 717 -14.93 -36.56 -11.10
C GLU A 717 -13.65 -35.93 -10.49
N ILE A 718 -13.74 -34.69 -9.99
CA ILE A 718 -12.56 -33.95 -9.57
C ILE A 718 -12.36 -34.14 -8.07
N GLY A 719 -13.41 -33.83 -7.28
CA GLY A 719 -13.45 -34.00 -5.84
C GLY A 719 -12.37 -33.16 -5.20
N ASP A 720 -11.53 -33.76 -4.35
CA ASP A 720 -10.53 -32.95 -3.67
C ASP A 720 -9.21 -32.91 -4.42
N LEU A 721 -9.21 -33.24 -5.71
CA LEU A 721 -8.01 -33.07 -6.51
C LEU A 721 -7.77 -31.57 -6.76
N LEU A 722 -8.84 -30.81 -6.91
CA LEU A 722 -8.75 -29.41 -7.29
C LEU A 722 -9.96 -28.61 -6.79
N LYS A 723 -9.66 -27.51 -6.09
CA LYS A 723 -10.63 -26.51 -5.69
C LYS A 723 -10.16 -25.10 -6.14
N VAL A 724 -11.05 -24.30 -6.74
CA VAL A 724 -10.75 -22.91 -7.04
C VAL A 724 -11.75 -22.07 -6.25
N VAL A 725 -11.23 -21.19 -5.35
CA VAL A 725 -12.06 -20.37 -4.49
C VAL A 725 -11.62 -18.91 -4.65
N PHE A 726 -12.60 -18.01 -4.63
CA PHE A 726 -12.28 -16.59 -4.60
C PHE A 726 -12.64 -16.02 -3.23
N VAL A 727 -11.65 -15.50 -2.54
CA VAL A 727 -11.88 -15.04 -1.18
C VAL A 727 -12.34 -13.60 -1.28
N PRO A 728 -13.58 -13.25 -0.78
CA PRO A 728 -14.07 -11.89 -0.83
C PRO A 728 -13.24 -11.00 0.10
N ASP A 729 -12.98 -9.78 -0.36
CA ASP A 729 -12.67 -8.66 0.53
C ASP A 729 -11.27 -8.85 1.10
N TYR A 730 -10.32 -9.21 0.22
CA TYR A 730 -8.93 -9.36 0.63
C TYR A 730 -8.48 -8.11 1.36
N ASN A 731 -7.88 -8.25 2.53
CA ASN A 731 -7.39 -7.08 3.25
C ASN A 731 -6.29 -7.63 4.13
N VAL A 732 -5.74 -6.82 5.03
CA VAL A 732 -4.56 -7.21 5.80
C VAL A 732 -4.92 -8.43 6.63
N SER A 733 -6.11 -8.44 7.27
CA SER A 733 -6.56 -9.58 8.07
C SER A 733 -6.61 -10.90 7.27
N VAL A 734 -7.05 -10.84 5.99
CA VAL A 734 -7.10 -12.04 5.14
C VAL A 734 -5.66 -12.40 4.74
N ALA A 735 -4.83 -11.41 4.48
CA ALA A 735 -3.43 -11.72 4.17
C ALA A 735 -2.77 -12.44 5.36
N GLU A 736 -3.04 -11.97 6.57
CA GLU A 736 -2.34 -12.53 7.72
C GLU A 736 -2.73 -14.00 7.90
N LEU A 737 -3.92 -14.39 7.40
CA LEU A 737 -4.47 -15.76 7.51
C LEU A 737 -3.88 -16.64 6.42
N LEU A 738 -3.85 -16.10 5.19
CA LEU A 738 -3.53 -16.87 4.00
C LEU A 738 -2.05 -17.09 3.81
N ILE A 739 -1.28 -16.03 4.11
CA ILE A 739 0.15 -16.07 3.83
C ILE A 739 0.83 -17.12 4.71
N PRO A 740 0.58 -17.21 6.03
CA PRO A 740 1.22 -18.27 6.82
C PRO A 740 0.95 -19.68 6.29
N ALA A 741 -0.18 -19.86 5.55
CA ALA A 741 -0.68 -21.16 5.13
C ALA A 741 -0.22 -21.51 3.71
N SER A 742 0.51 -20.62 3.07
CA SER A 742 0.62 -20.76 1.63
C SER A 742 1.80 -21.65 1.27
N ASP A 743 1.66 -22.35 0.13
CA ASP A 743 2.71 -23.22 -0.42
C ASP A 743 3.38 -22.54 -1.60
N LEU A 744 2.54 -22.02 -2.50
CA LEU A 744 2.95 -21.37 -3.73
C LEU A 744 2.18 -20.06 -3.87
N SER A 745 2.88 -19.01 -4.20
CA SER A 745 2.18 -17.76 -4.44
C SER A 745 2.60 -17.25 -5.82
N GLU A 746 1.68 -16.57 -6.49
CA GLU A 746 1.84 -16.22 -7.88
C GLU A 746 2.03 -14.73 -8.07
N HIS A 747 3.11 -14.37 -8.78
CA HIS A 747 3.45 -12.98 -9.03
C HIS A 747 3.79 -12.83 -10.51
N ILE A 748 2.76 -12.82 -11.36
CA ILE A 748 2.98 -13.20 -12.75
C ILE A 748 2.49 -12.10 -13.69
N SER A 749 2.58 -10.82 -13.26
CA SER A 749 2.39 -9.65 -14.10
C SER A 749 3.30 -9.72 -15.32
N THR A 750 2.83 -9.14 -16.42
CA THR A 750 3.65 -8.88 -17.59
C THR A 750 4.99 -8.28 -17.16
N ALA A 751 6.08 -8.88 -17.66
CA ALA A 751 7.44 -8.55 -17.24
C ALA A 751 7.76 -7.09 -17.55
N GLY A 752 8.18 -6.36 -16.51
CA GLY A 752 8.54 -4.96 -16.64
C GLY A 752 7.52 -3.95 -16.12
N MET A 753 6.35 -4.36 -15.62
CA MET A 753 5.31 -3.41 -15.22
C MET A 753 5.17 -3.22 -13.69
N GLU A 754 5.90 -4.02 -12.89
CA GLU A 754 5.98 -3.83 -11.44
C GLU A 754 7.24 -3.06 -11.02
N ALA A 755 7.06 -1.99 -10.24
CA ALA A 755 8.23 -1.35 -9.64
C ALA A 755 8.88 -2.30 -8.61
N SER A 756 8.03 -2.88 -7.74
CA SER A 756 8.46 -3.73 -6.64
C SER A 756 7.40 -4.79 -6.37
N GLY A 757 6.29 -4.41 -5.71
CA GLY A 757 5.43 -5.39 -5.02
C GLY A 757 6.00 -5.74 -3.63
N THR A 758 5.16 -6.07 -2.65
CA THR A 758 5.73 -6.45 -1.37
C THR A 758 5.11 -7.74 -0.84
N SER A 759 3.97 -8.18 -1.38
CA SER A 759 3.37 -9.39 -0.82
C SER A 759 4.32 -10.57 -1.01
N ASN A 760 5.02 -10.59 -2.14
CA ASN A 760 6.00 -11.66 -2.41
C ASN A 760 7.05 -11.77 -1.30
N MET A 761 7.46 -10.65 -0.72
CA MET A 761 8.43 -10.66 0.41
C MET A 761 7.78 -11.29 1.65
N1 LLP A 762 -2.56 -5.68 0.11
C2 LLP A 762 -2.40 -6.25 1.29
C2' LLP A 762 -3.61 -6.54 2.12
C3 LLP A 762 -1.15 -6.56 1.75
O3 LLP A 762 -1.05 -7.13 2.95
C4 LLP A 762 -0.02 -6.29 0.98
C4' LLP A 762 1.30 -6.62 1.45
C5 LLP A 762 -0.20 -5.69 -0.27
C6 LLP A 762 -1.48 -5.40 -0.65
C5' LLP A 762 0.92 -5.39 -1.20
OP4 LLP A 762 0.56 -6.00 -2.47
P LLP A 762 1.45 -6.37 -3.74
OP1 LLP A 762 2.79 -6.76 -3.28
OP2 LLP A 762 0.75 -7.48 -4.34
OP3 LLP A 762 1.46 -5.19 -4.59
N LLP A 762 6.50 -11.01 1.90
CA LLP A 762 5.83 -11.60 3.09
CB LLP A 762 4.45 -11.00 3.35
CG LLP A 762 4.37 -9.49 3.29
CD LLP A 762 2.97 -8.94 3.42
CE LLP A 762 2.84 -7.56 2.90
NZ LLP A 762 1.48 -7.28 2.49
C LLP A 762 5.69 -13.11 2.87
O LLP A 762 5.90 -13.85 3.81
N PHE A 763 5.35 -13.50 1.65
CA PHE A 763 5.23 -14.90 1.30
C PHE A 763 6.55 -15.62 1.54
N ALA A 764 7.67 -15.04 1.06
CA ALA A 764 8.98 -15.66 1.26
C ALA A 764 9.27 -15.84 2.76
N MET A 765 8.99 -14.81 3.55
CA MET A 765 9.32 -14.89 4.97
C MET A 765 8.59 -16.10 5.56
N ASN A 766 7.39 -16.37 5.06
CA ASN A 766 6.63 -17.45 5.67
C ASN A 766 6.92 -18.78 5.00
N GLY A 767 7.91 -18.84 4.13
CA GLY A 767 8.29 -20.12 3.57
C GLY A 767 7.41 -20.52 2.39
N CYS A 768 6.66 -19.55 1.82
CA CYS A 768 5.98 -19.78 0.56
C CYS A 768 7.00 -19.78 -0.60
N ILE A 769 6.74 -20.58 -1.66
CA ILE A 769 7.63 -20.56 -2.82
C ILE A 769 6.93 -19.77 -3.91
N GLN A 770 7.68 -18.87 -4.57
CA GLN A 770 7.04 -17.98 -5.51
C GLN A 770 7.16 -18.55 -6.92
N ILE A 771 6.07 -18.43 -7.67
CA ILE A 771 6.18 -18.54 -9.11
C ILE A 771 5.92 -17.14 -9.67
N GLY A 772 6.71 -16.71 -10.64
CA GLY A 772 6.51 -15.38 -11.18
C GLY A 772 7.37 -15.06 -12.42
N THR A 773 7.13 -13.86 -12.96
CA THR A 773 7.89 -13.31 -14.06
C THR A 773 9.11 -12.57 -13.48
N LEU A 774 10.11 -12.25 -14.32
CA LEU A 774 11.31 -11.64 -13.82
C LEU A 774 11.08 -10.14 -13.78
N ASP A 775 10.33 -9.68 -12.76
CA ASP A 775 10.13 -8.26 -12.65
C ASP A 775 9.88 -7.90 -11.20
N GLY A 776 10.05 -6.61 -10.92
CA GLY A 776 9.75 -6.05 -9.62
C GLY A 776 10.62 -6.69 -8.56
N ALA A 777 9.97 -6.95 -7.44
CA ALA A 777 10.59 -7.53 -6.27
C ALA A 777 10.96 -8.98 -6.53
N ASN A 778 10.36 -9.58 -7.58
CA ASN A 778 10.62 -10.99 -7.82
C ASN A 778 12.13 -11.17 -8.08
N VAL A 779 12.74 -10.18 -8.74
CA VAL A 779 14.13 -10.29 -9.18
C VAL A 779 15.01 -10.44 -7.94
N GLU A 780 14.77 -9.60 -6.93
CA GLU A 780 15.56 -9.46 -5.72
C GLU A 780 15.33 -10.67 -4.81
N ILE A 781 14.07 -11.07 -4.60
CA ILE A 781 13.66 -12.32 -3.95
C ILE A 781 14.41 -13.50 -4.55
N ARG A 782 14.34 -13.64 -5.86
CA ARG A 782 14.98 -14.78 -6.53
C ARG A 782 16.48 -14.80 -6.24
N GLU A 783 17.11 -13.62 -6.22
CA GLU A 783 18.55 -13.54 -5.98
C GLU A 783 18.95 -13.93 -4.56
N GLU A 784 18.08 -13.62 -3.58
CA GLU A 784 18.37 -13.85 -2.17
C GLU A 784 18.03 -15.28 -1.74
N VAL A 785 16.91 -15.84 -2.27
CA VAL A 785 16.40 -17.13 -1.80
C VAL A 785 17.09 -18.22 -2.61
N GLY A 786 17.62 -17.83 -3.78
CA GLY A 786 18.37 -18.73 -4.62
C GLY A 786 17.49 -19.13 -5.80
N GLU A 787 18.12 -19.32 -6.98
CA GLU A 787 17.36 -19.51 -8.20
C GLU A 787 16.75 -20.89 -8.25
N GLU A 788 17.16 -21.81 -7.36
CA GLU A 788 16.52 -23.11 -7.30
C GLU A 788 15.26 -23.14 -6.42
N ASN A 789 14.97 -22.02 -5.73
CA ASN A 789 13.87 -21.98 -4.78
C ASN A 789 12.80 -21.00 -5.27
N PHE A 790 12.80 -20.76 -6.59
CA PHE A 790 11.88 -19.82 -7.21
C PHE A 790 11.49 -20.32 -8.59
N PHE A 791 10.22 -20.26 -8.94
CA PHE A 791 9.85 -20.77 -10.25
C PHE A 791 9.72 -19.59 -11.21
N LEU A 792 10.62 -19.52 -12.20
CA LEU A 792 10.60 -18.39 -13.11
C LEU A 792 10.15 -18.91 -14.49
N PHE A 793 9.49 -18.03 -15.27
CA PHE A 793 8.90 -18.32 -16.59
C PHE A 793 8.63 -16.99 -17.30
N GLY A 794 8.38 -17.02 -18.61
CA GLY A 794 7.85 -15.83 -19.28
C GLY A 794 8.93 -15.01 -19.98
N ALA A 795 8.48 -14.19 -20.94
CA ALA A 795 9.21 -13.06 -21.47
C ALA A 795 9.69 -12.12 -20.35
N GLN A 796 10.93 -11.62 -20.57
CA GLN A 796 11.59 -10.63 -19.74
C GLN A 796 11.32 -9.26 -20.33
N ALA A 797 11.56 -8.22 -19.51
CA ALA A 797 11.13 -6.84 -19.75
C ALA A 797 11.58 -6.36 -21.12
N HIS A 798 12.83 -6.67 -21.49
CA HIS A 798 13.48 -6.24 -22.72
C HIS A 798 12.79 -6.83 -23.96
N GLU A 799 11.92 -7.82 -23.80
CA GLU A 799 11.33 -8.41 -24.99
C GLU A 799 9.88 -7.92 -25.19
N ILE A 800 9.28 -7.29 -24.18
CA ILE A 800 7.87 -6.92 -24.30
C ILE A 800 7.64 -6.14 -25.60
N ALA A 801 8.47 -5.09 -25.81
CA ALA A 801 8.38 -4.22 -26.97
C ALA A 801 8.29 -5.04 -28.26
N GLY A 802 9.28 -5.92 -28.49
CA GLY A 802 9.34 -6.74 -29.69
C GLY A 802 8.11 -7.63 -29.86
N LEU A 803 7.57 -8.23 -28.77
CA LEU A 803 6.51 -9.21 -28.91
C LEU A 803 5.18 -8.54 -29.26
N ARG A 804 5.03 -7.30 -28.78
CA ARG A 804 3.85 -6.49 -29.04
C ARG A 804 3.89 -5.97 -30.48
N LYS A 805 5.11 -5.78 -31.01
CA LYS A 805 5.28 -5.44 -32.40
C LYS A 805 4.94 -6.65 -33.27
N GLU A 806 5.41 -7.85 -32.88
CA GLU A 806 5.04 -9.07 -33.57
C GLU A 806 3.52 -9.16 -33.73
N ARG A 807 2.80 -8.97 -32.63
CA ARG A 807 1.34 -9.03 -32.60
C ARG A 807 0.76 -8.10 -33.67
N ALA A 808 1.21 -6.83 -33.65
CA ALA A 808 0.64 -5.76 -34.45
C ALA A 808 0.81 -6.01 -35.95
N ASP A 809 1.91 -6.69 -36.34
CA ASP A 809 2.27 -6.92 -37.73
C ASP A 809 1.63 -8.20 -38.24
N GLY A 810 0.94 -8.91 -37.34
CA GLY A 810 0.35 -10.21 -37.61
C GLY A 810 1.37 -11.36 -37.61
N LYS A 811 2.49 -11.23 -36.90
CA LYS A 811 3.49 -12.28 -36.94
C LYS A 811 3.32 -13.30 -35.79
N PHE A 812 2.36 -13.08 -34.85
CA PHE A 812 2.17 -13.89 -33.65
C PHE A 812 1.35 -15.19 -33.86
N VAL A 813 1.93 -16.32 -33.42
CA VAL A 813 1.31 -17.63 -33.65
C VAL A 813 0.79 -18.20 -32.33
N PRO A 814 -0.53 -18.14 -32.02
CA PRO A 814 -1.03 -18.57 -30.70
C PRO A 814 -0.84 -20.07 -30.53
N ASP A 815 -0.44 -20.49 -29.32
CA ASP A 815 -0.16 -21.90 -29.10
C ASP A 815 -1.51 -22.65 -29.01
N GLU A 816 -1.58 -23.86 -29.58
CA GLU A 816 -2.86 -24.60 -29.66
C GLU A 816 -3.50 -24.81 -28.29
N ARG A 817 -2.72 -25.18 -27.28
CA ARG A 817 -3.29 -25.37 -25.93
C ARG A 817 -4.00 -24.08 -25.51
N PHE A 818 -3.56 -22.94 -26.03
CA PHE A 818 -4.18 -21.68 -25.59
C PHE A 818 -5.56 -21.52 -26.25
N GLU A 819 -5.62 -21.88 -27.53
CA GLU A 819 -6.84 -21.96 -28.30
C GLU A 819 -7.80 -23.02 -27.68
N GLU A 820 -7.25 -24.09 -27.14
CA GLU A 820 -8.10 -25.13 -26.50
C GLU A 820 -8.95 -24.47 -25.42
N VAL A 821 -8.28 -23.84 -24.46
CA VAL A 821 -9.00 -23.18 -23.33
C VAL A 821 -9.99 -22.19 -23.92
N LYS A 822 -9.56 -21.40 -24.89
CA LYS A 822 -10.49 -20.41 -25.42
C LYS A 822 -11.77 -21.09 -25.87
N GLU A 823 -11.61 -22.14 -26.68
CA GLU A 823 -12.76 -22.83 -27.22
C GLU A 823 -13.64 -23.38 -26.10
N PHE A 824 -12.96 -23.98 -25.10
CA PHE A 824 -13.62 -24.63 -23.98
C PHE A 824 -14.52 -23.62 -23.26
N VAL A 825 -14.04 -22.40 -23.08
CA VAL A 825 -14.87 -21.37 -22.40
C VAL A 825 -16.07 -21.06 -23.28
N ARG A 826 -15.86 -20.76 -24.56
CA ARG A 826 -16.99 -20.42 -25.48
C ARG A 826 -17.96 -21.60 -25.58
N SER A 827 -17.47 -22.82 -25.45
CA SER A 827 -18.32 -24.00 -25.51
C SER A 827 -19.34 -24.02 -24.35
N GLY A 828 -19.18 -23.11 -23.39
CA GLY A 828 -20.16 -22.90 -22.32
C GLY A 828 -19.99 -23.89 -21.16
N ALA A 829 -18.79 -24.46 -21.02
CA ALA A 829 -18.53 -25.44 -19.98
C ALA A 829 -18.61 -24.76 -18.60
N PHE A 830 -18.50 -23.44 -18.57
CA PHE A 830 -18.57 -22.74 -17.29
C PHE A 830 -19.95 -22.11 -17.05
N GLY A 831 -21.00 -22.68 -17.67
CA GLY A 831 -22.36 -22.24 -17.44
C GLY A 831 -22.81 -21.21 -18.48
N SER A 832 -23.85 -20.43 -18.13
CA SER A 832 -24.60 -19.70 -19.15
C SER A 832 -24.01 -18.31 -19.39
N TYR A 833 -23.14 -17.86 -18.50
CA TYR A 833 -22.55 -16.55 -18.70
C TYR A 833 -21.81 -16.52 -20.03
N ASN A 834 -21.96 -15.39 -20.72
CA ASN A 834 -21.29 -15.23 -22.00
C ASN A 834 -19.93 -14.54 -21.84
N TYR A 835 -18.90 -15.25 -22.30
CA TYR A 835 -17.53 -14.80 -22.09
C TYR A 835 -16.90 -14.22 -23.36
N ASP A 836 -17.69 -14.15 -24.45
CA ASP A 836 -17.23 -13.61 -25.72
C ASP A 836 -16.45 -12.31 -25.50
N ASP A 837 -17.00 -11.38 -24.73
CA ASP A 837 -16.34 -10.09 -24.52
C ASP A 837 -14.95 -10.26 -23.91
N LEU A 838 -14.81 -11.29 -23.05
CA LEU A 838 -13.56 -11.57 -22.36
C LEU A 838 -12.56 -12.22 -23.31
N ILE A 839 -12.98 -13.25 -24.04
CA ILE A 839 -12.02 -13.87 -24.94
C ILE A 839 -11.60 -12.88 -26.03
N GLY A 840 -12.56 -12.07 -26.51
CA GLY A 840 -12.31 -11.00 -27.48
C GLY A 840 -11.15 -10.07 -27.09
N SER A 841 -10.93 -9.87 -25.79
CA SER A 841 -9.79 -9.06 -25.37
C SER A 841 -8.47 -9.74 -25.74
N LEU A 842 -8.53 -11.02 -26.09
CA LEU A 842 -7.30 -11.74 -26.39
C LEU A 842 -7.05 -11.85 -27.89
N GLU A 843 -7.95 -11.29 -28.72
CA GLU A 843 -7.89 -11.51 -30.16
C GLU A 843 -7.94 -10.20 -30.95
N GLY A 844 -7.63 -10.31 -32.24
CA GLY A 844 -7.32 -9.19 -33.11
C GLY A 844 -5.82 -8.84 -33.02
N ASN A 845 -5.38 -7.86 -33.82
CA ASN A 845 -3.97 -7.51 -33.83
C ASN A 845 -3.72 -6.10 -33.34
N GLU A 846 -4.80 -5.29 -33.29
CA GLU A 846 -4.82 -3.93 -32.77
C GLU A 846 -6.23 -3.60 -32.28
N GLY A 847 -6.36 -2.51 -31.54
CA GLY A 847 -7.66 -2.03 -31.13
C GLY A 847 -7.70 -1.87 -29.62
N PHE A 848 -8.05 -0.65 -29.19
CA PHE A 848 -7.90 -0.16 -27.83
C PHE A 848 -7.75 -1.26 -26.76
N GLY A 849 -8.73 -2.17 -26.63
CA GLY A 849 -8.76 -3.14 -25.53
C GLY A 849 -8.77 -4.60 -25.99
N ARG A 850 -8.22 -4.86 -27.19
CA ARG A 850 -8.11 -6.18 -27.76
C ARG A 850 -6.61 -6.54 -27.84
N ALA A 851 -6.26 -7.55 -28.63
CA ALA A 851 -4.92 -7.74 -29.16
C ALA A 851 -3.92 -8.22 -28.09
N ASP A 852 -4.51 -8.70 -26.97
CA ASP A 852 -3.79 -9.37 -25.89
C ASP A 852 -2.55 -8.56 -25.48
N TYR A 853 -2.80 -7.30 -25.14
CA TYR A 853 -1.77 -6.33 -24.86
C TYR A 853 -0.81 -6.82 -23.75
N PHE A 854 -1.31 -7.58 -22.76
CA PHE A 854 -0.47 -8.01 -21.64
C PHE A 854 0.10 -9.44 -21.81
N LEU A 855 -0.06 -10.02 -23.00
CA LEU A 855 0.75 -11.14 -23.47
C LEU A 855 0.45 -12.42 -22.68
N VAL A 856 -0.85 -12.59 -22.41
CA VAL A 856 -1.34 -13.77 -21.70
C VAL A 856 -1.13 -14.98 -22.60
N GLY A 857 -1.60 -14.89 -23.84
CA GLY A 857 -1.41 -15.93 -24.85
C GLY A 857 0.05 -16.31 -25.09
N LYS A 858 0.94 -15.31 -25.21
CA LYS A 858 2.36 -15.56 -25.41
C LYS A 858 2.94 -16.37 -24.25
N ASP A 859 2.73 -15.88 -23.02
CA ASP A 859 3.44 -16.39 -21.86
C ASP A 859 2.88 -17.76 -21.46
N PHE A 860 1.69 -18.12 -22.00
CA PHE A 860 0.87 -19.24 -21.56
C PHE A 860 1.60 -20.58 -21.62
N PRO A 861 2.29 -20.97 -22.74
CA PRO A 861 3.07 -22.22 -22.79
C PRO A 861 4.16 -22.33 -21.72
N SER A 862 4.96 -21.28 -21.52
CA SER A 862 6.00 -21.39 -20.52
C SER A 862 5.38 -21.41 -19.11
N TYR A 863 4.21 -20.76 -18.94
CA TYR A 863 3.51 -20.76 -17.65
C TYR A 863 2.96 -22.16 -17.34
N ILE A 864 2.30 -22.79 -18.31
CA ILE A 864 1.70 -24.07 -17.96
C ILE A 864 2.79 -25.13 -17.75
N GLU A 865 3.88 -25.01 -18.52
CA GLU A 865 5.09 -25.80 -18.41
C GLU A 865 5.68 -25.66 -17.00
N CYS A 866 5.85 -24.40 -16.57
CA CYS A 866 6.42 -24.18 -15.26
C CYS A 866 5.50 -24.72 -14.14
N GLN A 867 4.16 -24.67 -14.28
CA GLN A 867 3.28 -25.28 -13.27
C GLN A 867 3.47 -26.81 -13.14
N GLU A 868 3.82 -27.49 -14.22
CA GLU A 868 4.26 -28.90 -14.16
C GLU A 868 5.59 -29.12 -13.43
N LYS A 869 6.56 -28.21 -13.60
CA LYS A 869 7.73 -28.30 -12.76
C LYS A 869 7.37 -28.22 -11.27
N VAL A 870 6.42 -27.33 -10.93
CA VAL A 870 5.91 -27.18 -9.57
C VAL A 870 5.33 -28.50 -9.05
N ASP A 871 4.40 -29.07 -9.84
CA ASP A 871 3.76 -30.33 -9.55
C ASP A 871 4.82 -31.36 -9.12
N GLU A 872 5.86 -31.51 -9.96
CA GLU A 872 6.97 -32.43 -9.78
C GLU A 872 7.74 -32.13 -8.50
N ALA A 873 8.08 -30.85 -8.28
CA ALA A 873 8.75 -30.49 -7.04
C ALA A 873 7.87 -30.79 -5.81
N TYR A 874 6.55 -30.52 -5.87
CA TYR A 874 5.72 -30.75 -4.69
C TYR A 874 5.61 -32.23 -4.28
N ARG A 875 5.72 -33.17 -5.23
CA ARG A 875 5.66 -34.61 -4.93
C ARG A 875 6.91 -35.07 -4.20
N ASP A 876 8.04 -34.36 -4.36
CA ASP A 876 9.25 -34.61 -3.62
C ASP A 876 9.21 -33.75 -2.36
N GLN A 877 8.56 -34.25 -1.29
CA GLN A 877 8.28 -33.48 -0.11
C GLN A 877 9.57 -32.93 0.51
N LYS A 878 10.68 -33.68 0.36
CA LYS A 878 11.94 -33.31 0.96
C LYS A 878 12.56 -32.10 0.26
N ARG A 879 12.49 -32.12 -1.06
CA ARG A 879 13.03 -31.04 -1.89
C ARG A 879 12.13 -29.83 -1.67
N TRP A 880 10.83 -30.05 -1.59
CA TRP A 880 9.87 -28.95 -1.38
C TRP A 880 10.13 -28.29 -0.04
N THR A 881 10.34 -29.07 1.00
CA THR A 881 10.55 -28.48 2.30
C THR A 881 11.84 -27.65 2.28
N THR A 882 12.90 -28.17 1.60
CA THR A 882 14.19 -27.54 1.53
C THR A 882 13.99 -26.18 0.88
N MET A 883 13.28 -26.14 -0.25
CA MET A 883 12.98 -24.87 -0.93
C MET A 883 12.20 -23.90 -0.02
N SER A 884 11.13 -24.40 0.65
CA SER A 884 10.33 -23.63 1.56
C SER A 884 11.20 -22.97 2.63
N ILE A 885 12.07 -23.76 3.27
CA ILE A 885 12.98 -23.20 4.28
C ILE A 885 13.94 -22.16 3.69
N LEU A 886 14.50 -22.41 2.51
CA LEU A 886 15.45 -21.45 2.00
C LEU A 886 14.76 -20.13 1.66
N ASN A 887 13.43 -20.15 1.45
CA ASN A 887 12.73 -18.89 1.29
C ASN A 887 12.82 -18.06 2.57
N THR A 888 12.54 -18.75 3.70
CA THR A 888 12.51 -18.07 4.99
C THR A 888 13.92 -17.64 5.32
N ALA A 889 14.90 -18.54 5.20
CA ALA A 889 16.33 -18.23 5.28
C ALA A 889 16.81 -17.06 4.43
N GLY A 890 16.25 -16.80 3.25
CA GLY A 890 16.83 -15.78 2.40
C GLY A 890 15.98 -14.51 2.35
N SER A 891 15.14 -14.37 3.37
CA SER A 891 14.13 -13.29 3.48
C SER A 891 14.58 -12.11 4.33
N TYR A 892 15.64 -12.24 5.12
CA TYR A 892 15.95 -11.14 6.04
C TYR A 892 16.07 -9.74 5.42
N LYS A 893 16.77 -9.60 4.30
CA LYS A 893 17.00 -8.29 3.71
C LYS A 893 15.69 -7.58 3.40
N PHE A 894 14.58 -8.31 3.42
CA PHE A 894 13.27 -7.71 3.12
C PHE A 894 12.54 -7.18 4.35
N SER A 895 13.19 -7.11 5.51
CA SER A 895 12.70 -6.38 6.66
C SER A 895 12.64 -4.87 6.37
N SER A 896 11.52 -4.23 6.71
CA SER A 896 11.39 -2.79 6.56
C SER A 896 12.28 -2.07 7.58
N ASP A 897 12.83 -2.81 8.57
CA ASP A 897 13.84 -2.27 9.47
C ASP A 897 15.09 -1.90 8.67
N ARG A 898 15.51 -2.75 7.71
CA ARG A 898 16.62 -2.46 6.82
C ARG A 898 16.23 -1.21 6.03
N THR A 899 15.00 -1.19 5.46
CA THR A 899 14.64 -0.04 4.64
C THR A 899 14.70 1.25 5.46
N ILE A 900 14.16 1.21 6.69
CA ILE A 900 13.96 2.41 7.49
C ILE A 900 15.31 2.98 7.97
N HIS A 901 16.25 2.10 8.37
CA HIS A 901 17.60 2.57 8.70
C HIS A 901 18.24 3.29 7.51
N GLU A 902 17.92 2.83 6.29
CA GLU A 902 18.50 3.43 5.10
C GLU A 902 17.97 4.87 4.92
N TYR A 903 16.64 5.04 5.01
CA TYR A 903 16.01 6.34 4.87
C TYR A 903 16.53 7.27 5.98
N ALA A 904 16.63 6.71 7.19
CA ALA A 904 17.03 7.46 8.37
C ALA A 904 18.42 8.06 8.24
N LYS A 905 19.38 7.27 7.71
CA LYS A 905 20.77 7.69 7.53
C LYS A 905 20.96 8.47 6.21
N ASP A 906 20.34 8.02 5.12
CA ASP A 906 20.75 8.50 3.81
C ASP A 906 19.89 9.68 3.34
N ILE A 907 18.68 9.86 3.88
CA ILE A 907 17.76 10.87 3.36
C ILE A 907 17.33 11.83 4.47
N TRP A 908 16.75 11.27 5.56
CA TRP A 908 16.17 12.10 6.62
C TRP A 908 17.20 12.59 7.63
N ASN A 909 18.29 11.84 7.85
CA ASN A 909 19.28 12.18 8.87
C ASN A 909 18.63 12.39 10.26
N ILE A 910 17.82 11.42 10.70
CA ILE A 910 17.33 11.29 12.07
C ILE A 910 18.12 10.17 12.77
N GLU A 911 18.12 10.17 14.11
CA GLU A 911 18.85 9.26 14.98
C GLU A 911 17.89 8.72 16.04
N ALA A 912 18.15 7.47 16.51
CA ALA A 912 17.33 6.82 17.53
C ALA A 912 17.27 7.70 18.79
N VAL A 913 16.11 7.73 19.46
CA VAL A 913 15.98 8.41 20.74
C VAL A 913 15.46 7.37 21.72
N GLU A 914 16.11 7.24 22.87
CA GLU A 914 15.71 6.27 23.89
C GLU A 914 14.55 6.80 24.74
N ILE A 915 13.51 5.99 24.96
CA ILE A 915 12.43 6.29 25.89
C ILE A 915 12.56 5.36 27.10
N ALA A 916 13.28 5.82 28.13
CA ALA A 916 13.36 5.07 29.37
C ALA A 916 12.03 5.26 30.14
C1 GOL B . -2.35 -2.51 -5.68
O1 GOL B . -2.49 -1.09 -5.61
C2 GOL B . -0.96 -2.86 -6.13
O2 GOL B . -0.67 -2.19 -7.36
C3 GOL B . 0.09 -2.49 -5.12
O3 GOL B . 0.11 -1.08 -4.91
C1 GOL C . -6.81 42.52 1.16
O1 GOL C . -7.74 43.03 2.11
C2 GOL C . -5.38 42.52 1.68
O2 GOL C . -4.43 42.73 0.62
C3 GOL C . -5.13 43.50 2.79
O3 GOL C . -3.85 43.33 3.38
C1 GOL D . -3.12 45.68 -5.79
O1 GOL D . -3.43 46.79 -4.95
C2 GOL D . -3.42 44.35 -5.12
O2 GOL D . -4.74 43.92 -5.47
C3 GOL D . -2.46 43.27 -5.54
O3 GOL D . -2.92 42.59 -6.70
#